data_6AYT
#
_entry.id   6AYT
#
_cell.length_a   71.078
_cell.length_b   90.983
_cell.length_c   72.451
_cell.angle_alpha   90.00
_cell.angle_beta   111.44
_cell.angle_gamma   90.00
#
_symmetry.space_group_name_H-M   'P 1 21 1'
#
loop_
_entity.id
_entity.type
_entity.pdbx_description
1 polymer "5'-methylthioadenosine/S-adenosylhomocysteine nucleosidase"
2 non-polymer (3R,4S)-1-[(4-amino-5H-pyrrolo[3,2-d]pyrimidin-7-yl)methyl]-4-[(pyrazin-2-ylsulfanyl)methyl]pyrrolidin-3-ol
3 non-polymer 1,2-ETHANEDIOL
4 water water
#
_entity_poly.entity_id   1
_entity_poly.type   'polypeptide(L)'
_entity_poly.pdbx_seq_one_letter_code
;MGHHHHHHSGMKIAILGAMSEEITPLLETLKDYTKIEHANNTYYFAKYKDHELVLAYSKIGKVNSTLSASVMIEKFGAQV
LLFTGVAGAFNPELEIGDLLYATKLAQYDLDITAFGHPLGFVPGNEIFIKTDEKLNNLALEVAKELNIKLRAGIIATGDE
FICDEAKKAKIREIFNADACEMEGASVALVCDALKVPCFILRAMSDKAGEKAEFDFDEFVINSAKISANFVLKMCEKL
;
_entity_poly.pdbx_strand_id   A,B,C,D
#
# COMPACT_ATOMS: atom_id res chain seq x y z
N GLY A 10 -23.46 -23.93 1.17
CA GLY A 10 -22.63 -23.60 2.37
C GLY A 10 -21.18 -23.24 2.05
N MET A 11 -20.40 -22.96 3.08
CA MET A 11 -18.99 -22.56 2.91
C MET A 11 -18.17 -22.87 4.16
N LYS A 12 -16.85 -22.81 3.99
CA LYS A 12 -15.92 -23.06 5.08
C LYS A 12 -15.70 -21.76 5.85
N ILE A 13 -16.11 -21.73 7.11
CA ILE A 13 -16.03 -20.53 7.94
C ILE A 13 -15.05 -20.74 9.08
N ALA A 14 -14.08 -19.83 9.19
CA ALA A 14 -13.15 -19.84 10.33
C ALA A 14 -13.76 -18.97 11.43
N ILE A 15 -13.77 -19.49 12.65
CA ILE A 15 -14.10 -18.69 13.84
C ILE A 15 -12.87 -18.70 14.76
N LEU A 16 -12.31 -17.53 15.01
CA LEU A 16 -11.03 -17.42 15.69
C LEU A 16 -11.16 -16.51 16.89
N GLY A 17 -10.59 -16.95 18.02
CA GLY A 17 -10.36 -16.09 19.20
C GLY A 17 -8.92 -16.21 19.65
N ALA A 18 -8.56 -15.48 20.69
CA ALA A 18 -7.20 -15.53 21.25
C ALA A 18 -7.07 -16.54 22.40
N MET A 19 -8.07 -16.55 23.28
CA MET A 19 -8.05 -17.32 24.54
C MET A 19 -9.13 -18.40 24.51
N SER A 20 -8.89 -19.47 25.28
CA SER A 20 -9.88 -20.56 25.40
C SER A 20 -11.27 -20.07 25.77
N GLU A 21 -11.32 -19.07 26.66
CA GLU A 21 -12.58 -18.47 27.12
C GLU A 21 -13.42 -17.87 25.99
N GLU A 22 -12.77 -17.44 24.90
CA GLU A 22 -13.44 -16.82 23.77
C GLU A 22 -14.03 -17.81 22.76
N ILE A 23 -13.57 -19.07 22.82
CA ILE A 23 -13.97 -20.11 21.86
C ILE A 23 -14.70 -21.30 22.50
N THR A 24 -14.37 -21.67 23.73
CA THR A 24 -15.01 -22.81 24.38
C THR A 24 -16.55 -22.73 24.46
N PRO A 25 -17.12 -21.51 24.66
CA PRO A 25 -18.58 -21.39 24.58
C PRO A 25 -19.20 -21.85 23.25
N LEU A 26 -18.49 -21.67 22.14
CA LEU A 26 -18.93 -22.20 20.84
C LEU A 26 -18.82 -23.73 20.77
N LEU A 27 -17.74 -24.29 21.31
CA LEU A 27 -17.54 -25.74 21.31
C LEU A 27 -18.61 -26.45 22.16
N GLU A 28 -18.98 -25.84 23.28
CA GLU A 28 -20.04 -26.37 24.16
C GLU A 28 -21.43 -26.32 23.49
N THR A 29 -21.66 -25.29 22.66
CA THR A 29 -22.90 -25.19 21.88
C THR A 29 -22.93 -26.20 20.73
N LEU A 30 -21.79 -26.36 20.04
CA LEU A 30 -21.70 -27.24 18.87
C LEU A 30 -21.72 -28.72 19.25
N LYS A 31 -21.12 -29.08 20.39
CA LYS A 31 -21.18 -30.43 20.97
C LYS A 31 -20.40 -31.48 20.16
N ASP A 32 -20.82 -31.70 18.91
CA ASP A 32 -20.15 -32.64 18.01
C ASP A 32 -19.10 -31.90 17.18
N TYR A 33 -17.83 -32.16 17.48
CA TYR A 33 -16.71 -31.62 16.72
C TYR A 33 -15.54 -32.57 16.78
N THR A 34 -14.64 -32.47 15.80
CA THR A 34 -13.38 -33.21 15.79
C THR A 34 -12.21 -32.24 15.96
N LYS A 35 -11.05 -32.79 16.28
CA LYS A 35 -9.84 -32.02 16.57
C LYS A 35 -8.69 -32.41 15.65
N ILE A 36 -7.87 -31.42 15.26
CA ILE A 36 -6.58 -31.68 14.62
C ILE A 36 -5.52 -30.85 15.34
N GLU A 37 -4.41 -31.50 15.72
CA GLU A 37 -3.26 -30.81 16.26
C GLU A 37 -2.39 -30.33 15.09
N HIS A 38 -2.19 -29.01 15.02
CA HIS A 38 -1.37 -28.40 13.96
C HIS A 38 -0.85 -27.04 14.41
N ALA A 39 0.36 -26.69 13.97
CA ALA A 39 0.98 -25.39 14.30
C ALA A 39 1.04 -25.11 15.80
N ASN A 40 1.39 -26.16 16.56
CA ASN A 40 1.50 -26.10 18.00
C ASN A 40 0.22 -25.56 18.67
N ASN A 41 -0.92 -26.08 18.20
CA ASN A 41 -2.22 -25.63 18.65
C ASN A 41 -3.23 -26.72 18.28
N THR A 42 -4.49 -26.56 18.72
CA THR A 42 -5.56 -27.44 18.31
C THR A 42 -6.58 -26.66 17.50
N TYR A 43 -7.00 -27.23 16.38
CA TYR A 43 -8.05 -26.67 15.54
C TYR A 43 -9.25 -27.61 15.58
N TYR A 44 -10.44 -27.01 15.69
CA TYR A 44 -11.69 -27.74 15.92
C TYR A 44 -12.56 -27.63 14.68
N PHE A 45 -13.26 -28.72 14.34
CA PHE A 45 -14.03 -28.82 13.11
C PHE A 45 -15.44 -29.32 13.39
N ALA A 46 -16.43 -28.61 12.86
CA ALA A 46 -17.84 -28.96 13.11
C ALA A 46 -18.71 -28.53 11.94
N LYS A 47 -19.79 -29.30 11.71
CA LYS A 47 -20.86 -28.89 10.81
C LYS A 47 -21.78 -27.94 11.56
N TYR A 48 -22.30 -26.94 10.86
CA TYR A 48 -23.29 -26.03 11.43
C TYR A 48 -24.15 -25.47 10.29
N LYS A 49 -25.43 -25.84 10.30
CA LYS A 49 -26.33 -25.64 9.14
C LYS A 49 -25.68 -26.32 7.90
N ASP A 50 -25.63 -25.63 6.75
CA ASP A 50 -24.91 -26.13 5.58
C ASP A 50 -23.39 -25.89 5.62
N HIS A 51 -22.92 -25.15 6.62
CA HIS A 51 -21.52 -24.72 6.69
C HIS A 51 -20.61 -25.72 7.37
N GLU A 52 -19.32 -25.62 7.07
CA GLU A 52 -18.26 -26.38 7.71
C GLU A 52 -17.41 -25.38 8.49
N LEU A 53 -17.44 -25.46 9.82
CA LEU A 53 -16.70 -24.52 10.67
C LEU A 53 -15.31 -25.04 11.02
N VAL A 54 -14.34 -24.13 11.07
CA VAL A 54 -13.04 -24.40 11.68
C VAL A 54 -12.85 -23.37 12.80
N LEU A 55 -12.60 -23.85 14.01
CA LEU A 55 -12.48 -22.97 15.19
C LEU A 55 -11.15 -23.17 15.89
N ALA A 56 -10.69 -22.12 16.54
CA ALA A 56 -9.46 -22.18 17.30
C ALA A 56 -9.32 -20.95 18.18
N TYR A 57 -8.58 -21.09 19.26
CA TYR A 57 -8.04 -19.94 19.95
C TYR A 57 -6.55 -19.93 19.67
N SER A 58 -6.04 -18.79 19.25
CA SER A 58 -4.67 -18.69 18.71
C SER A 58 -3.56 -18.69 19.74
N LYS A 59 -3.92 -18.40 20.99
CA LYS A 59 -3.01 -17.86 22.03
C LYS A 59 -2.80 -16.36 21.77
N ILE A 60 -2.35 -15.67 22.79
CA ILE A 60 -2.42 -14.20 22.82
C ILE A 60 -1.40 -13.55 21.91
N GLY A 61 -1.80 -12.43 21.29
CA GLY A 61 -0.85 -11.54 20.62
C GLY A 61 -0.84 -11.61 19.11
N LYS A 62 -0.05 -10.72 18.55
CA LYS A 62 -0.06 -10.49 17.11
C LYS A 62 0.53 -11.67 16.34
N VAL A 63 1.66 -12.20 16.79
CA VAL A 63 2.30 -13.32 16.09
C VAL A 63 1.42 -14.57 16.11
N ASN A 64 0.92 -14.93 17.29
CA ASN A 64 0.07 -16.13 17.43
C ASN A 64 -1.20 -16.04 16.57
N SER A 65 -1.87 -14.90 16.61
CA SER A 65 -3.09 -14.69 15.84
C SER A 65 -2.85 -14.65 14.31
N THR A 66 -1.73 -14.05 13.90
CA THR A 66 -1.31 -14.03 12.49
C THR A 66 -1.13 -15.47 11.99
N LEU A 67 -0.43 -16.29 12.77
CA LEU A 67 -0.19 -17.67 12.39
C LEU A 67 -1.47 -18.47 12.27
N SER A 68 -2.38 -18.34 13.24
CA SER A 68 -3.67 -19.04 13.21
C SER A 68 -4.53 -18.65 12.02
N ALA A 69 -4.65 -17.35 11.76
CA ALA A 69 -5.39 -16.88 10.59
C ALA A 69 -4.81 -17.45 9.28
N SER A 70 -3.49 -17.44 9.17
CA SER A 70 -2.78 -17.99 8.01
C SER A 70 -3.07 -19.48 7.82
N VAL A 71 -2.94 -20.24 8.91
CA VAL A 71 -3.21 -21.68 8.90
C VAL A 71 -4.66 -22.01 8.56
N MET A 72 -5.61 -21.28 9.15
CA MET A 72 -7.04 -21.57 8.94
C MET A 72 -7.45 -21.34 7.48
N ILE A 73 -6.83 -20.37 6.83
CA ILE A 73 -7.10 -20.06 5.43
C ILE A 73 -6.34 -21.02 4.51
N GLU A 74 -5.02 -21.10 4.68
CA GLU A 74 -4.18 -21.87 3.77
C GLU A 74 -4.34 -23.38 3.94
N LYS A 75 -4.20 -23.86 5.16
CA LYS A 75 -4.28 -25.29 5.44
C LYS A 75 -5.71 -25.82 5.51
N PHE A 76 -6.60 -25.10 6.19
CA PHE A 76 -7.97 -25.59 6.42
C PHE A 76 -9.04 -24.93 5.54
N GLY A 77 -8.62 -24.15 4.55
CA GLY A 77 -9.51 -23.72 3.47
C GLY A 77 -10.59 -22.72 3.79
N ALA A 78 -10.43 -21.97 4.89
CA ALA A 78 -11.44 -20.99 5.28
C ALA A 78 -11.69 -19.98 4.17
N GLN A 79 -12.96 -19.78 3.87
CA GLN A 79 -13.40 -18.81 2.85
C GLN A 79 -13.89 -17.52 3.47
N VAL A 80 -14.20 -17.56 4.77
CA VAL A 80 -14.55 -16.38 5.56
C VAL A 80 -13.95 -16.59 6.94
N LEU A 81 -13.59 -15.50 7.63
CA LEU A 81 -13.06 -15.58 8.99
C LEU A 81 -13.77 -14.57 9.87
N LEU A 82 -14.36 -15.05 10.95
CA LEU A 82 -15.01 -14.21 11.95
C LEU A 82 -14.14 -14.29 13.21
N PHE A 83 -13.71 -13.13 13.71
CA PHE A 83 -12.99 -13.10 14.98
C PHE A 83 -13.93 -12.71 16.11
N THR A 84 -13.86 -13.45 17.20
CA THR A 84 -14.66 -13.22 18.39
C THR A 84 -13.78 -13.16 19.63
N GLY A 85 -14.03 -12.19 20.50
CA GLY A 85 -13.28 -12.11 21.73
C GLY A 85 -13.65 -10.88 22.52
N VAL A 86 -12.79 -10.54 23.45
CA VAL A 86 -13.02 -9.39 24.34
C VAL A 86 -11.99 -8.29 24.06
N ALA A 87 -12.23 -7.10 24.61
CA ALA A 87 -11.35 -5.95 24.38
C ALA A 87 -11.44 -4.92 25.49
N GLY A 88 -10.46 -4.02 25.53
CA GLY A 88 -10.45 -2.90 26.47
C GLY A 88 -11.08 -1.68 25.82
N ALA A 89 -12.11 -1.10 26.47
CA ALA A 89 -12.83 0.06 25.93
C ALA A 89 -12.04 1.35 26.06
N PHE A 90 -11.97 2.11 24.97
CA PHE A 90 -11.41 3.48 24.95
C PHE A 90 -12.52 4.54 24.87
N ASN A 91 -13.49 4.32 23.97
CA ASN A 91 -14.61 5.25 23.79
C ASN A 91 -15.42 5.30 25.10
N PRO A 92 -15.61 6.51 25.70
CA PRO A 92 -16.31 6.59 26.99
C PRO A 92 -17.77 6.12 26.97
N GLU A 93 -18.42 6.12 25.81
CA GLU A 93 -19.77 5.59 25.67
C GLU A 93 -19.88 4.05 25.73
N LEU A 94 -18.76 3.34 25.51
CA LEU A 94 -18.76 1.88 25.65
C LEU A 94 -18.73 1.46 27.11
N GLU A 95 -19.63 0.54 27.46
CA GLU A 95 -19.67 -0.06 28.79
C GLU A 95 -19.23 -1.52 28.71
N ILE A 96 -18.84 -2.06 29.85
CA ILE A 96 -18.45 -3.46 29.94
C ILE A 96 -19.61 -4.35 29.44
N GLY A 97 -19.27 -5.30 28.56
CA GLY A 97 -20.26 -6.14 27.90
C GLY A 97 -20.74 -5.68 26.53
N ASP A 98 -20.52 -4.40 26.19
CA ASP A 98 -20.96 -3.86 24.89
C ASP A 98 -20.17 -4.42 23.72
N LEU A 99 -20.86 -4.68 22.61
CA LEU A 99 -20.26 -5.20 21.40
C LEU A 99 -19.77 -4.08 20.49
N LEU A 100 -18.59 -4.28 19.92
CA LEU A 100 -17.97 -3.36 18.96
C LEU A 100 -17.42 -4.21 17.82
N TYR A 101 -17.79 -3.89 16.58
CA TYR A 101 -17.13 -4.46 15.42
C TYR A 101 -16.19 -3.42 14.83
N ALA A 102 -15.04 -3.88 14.32
CA ALA A 102 -14.02 -2.98 13.78
C ALA A 102 -14.28 -2.68 12.31
N THR A 103 -14.41 -1.40 11.98
CA THR A 103 -14.44 -0.99 10.57
C THR A 103 -13.02 -1.00 10.02
N LYS A 104 -12.07 -0.52 10.81
CA LYS A 104 -10.66 -0.64 10.49
C LYS A 104 -9.77 -0.72 11.74
N LEU A 105 -8.53 -1.17 11.55
CA LEU A 105 -7.63 -1.46 12.66
C LEU A 105 -6.20 -1.04 12.35
N ALA A 106 -5.46 -0.62 13.38
CA ALA A 106 -4.04 -0.25 13.27
C ALA A 106 -3.24 -0.99 14.33
N GLN A 107 -1.93 -1.13 14.08
CA GLN A 107 -0.98 -1.61 15.09
C GLN A 107 -0.30 -0.40 15.72
N TYR A 108 -0.72 -0.07 16.93
CA TYR A 108 -0.20 1.12 17.64
C TYR A 108 1.27 0.99 18.07
N ASP A 109 1.80 -0.25 18.13
CA ASP A 109 3.16 -0.51 18.61
C ASP A 109 4.15 -0.86 17.48
N LEU A 110 3.76 -0.62 16.22
CA LEU A 110 4.62 -0.85 15.08
C LEU A 110 5.25 0.48 14.74
N ASP A 111 6.56 0.60 14.97
CA ASP A 111 7.19 1.90 15.16
C ASP A 111 8.57 1.98 14.50
N ILE A 112 8.62 2.60 13.32
CA ILE A 112 9.87 3.05 12.71
C ILE A 112 9.83 4.57 12.53
N THR A 113 9.28 5.25 13.54
CA THR A 113 9.18 6.71 13.55
C THR A 113 10.54 7.40 13.50
N ALA A 114 11.61 6.72 13.95
CA ALA A 114 12.98 7.26 13.83
C ALA A 114 13.37 7.63 12.40
N PHE A 115 12.76 6.97 11.41
CA PHE A 115 12.97 7.29 9.99
C PHE A 115 11.94 8.25 9.39
N GLY A 116 11.15 8.92 10.23
CA GLY A 116 10.17 9.91 9.77
C GLY A 116 8.77 9.43 9.46
N HIS A 117 8.54 8.12 9.50
CA HIS A 117 7.23 7.56 9.16
C HIS A 117 6.26 7.77 10.31
N PRO A 118 4.94 7.83 10.01
CA PRO A 118 3.95 7.84 11.09
C PRO A 118 3.97 6.54 11.91
N LEU A 119 3.58 6.65 13.18
CA LEU A 119 3.40 5.48 14.04
C LEU A 119 2.36 4.54 13.39
N GLY A 120 2.70 3.25 13.35
CA GLY A 120 1.85 2.23 12.73
C GLY A 120 2.10 1.97 11.25
N PHE A 121 2.93 2.78 10.61
CA PHE A 121 3.22 2.63 9.20
C PHE A 121 4.54 1.91 8.96
N VAL A 122 4.52 0.93 8.06
CA VAL A 122 5.75 0.42 7.45
C VAL A 122 5.59 0.34 5.93
N PRO A 123 6.70 0.50 5.18
CA PRO A 123 6.66 0.46 3.72
C PRO A 123 5.99 -0.80 3.16
N GLY A 124 5.17 -0.60 2.12
CA GLY A 124 4.40 -1.66 1.50
C GLY A 124 3.02 -1.86 2.10
N ASN A 125 2.79 -1.31 3.29
CA ASN A 125 1.52 -1.49 4.01
C ASN A 125 0.94 -0.11 4.30
N GLU A 126 -0.23 -0.08 4.92
CA GLU A 126 -0.92 1.15 5.31
C GLU A 126 -1.03 1.20 6.82
N ILE A 127 -1.48 2.33 7.36
CA ILE A 127 -1.69 2.46 8.80
C ILE A 127 -2.90 1.64 9.23
N PHE A 128 -4.00 1.74 8.47
CA PHE A 128 -5.23 0.98 8.78
C PHE A 128 -5.50 -0.16 7.81
N ILE A 129 -5.96 -1.28 8.35
CA ILE A 129 -6.50 -2.40 7.56
C ILE A 129 -8.02 -2.40 7.74
N LYS A 130 -8.76 -2.52 6.65
CA LYS A 130 -10.22 -2.58 6.67
C LYS A 130 -10.74 -4.00 6.76
N THR A 131 -11.89 -4.13 7.40
CA THR A 131 -12.66 -5.37 7.43
C THR A 131 -13.64 -5.39 6.26
N ASP A 132 -14.31 -6.52 6.08
CA ASP A 132 -15.20 -6.74 4.92
C ASP A 132 -16.57 -6.09 5.12
N GLU A 133 -16.96 -5.24 4.17
CA GLU A 133 -18.22 -4.47 4.27
C GLU A 133 -19.48 -5.34 4.25
N LYS A 134 -19.50 -6.42 3.46
CA LYS A 134 -20.68 -7.31 3.44
C LYS A 134 -20.89 -8.01 4.78
N LEU A 135 -19.81 -8.49 5.40
CA LEU A 135 -19.90 -9.11 6.73
C LEU A 135 -20.34 -8.10 7.80
N ASN A 136 -19.82 -6.88 7.71
CA ASN A 136 -20.20 -5.82 8.64
C ASN A 136 -21.69 -5.47 8.54
N ASN A 137 -22.19 -5.37 7.31
CA ASN A 137 -23.62 -5.13 7.08
C ASN A 137 -24.49 -6.30 7.55
N LEU A 138 -24.04 -7.53 7.32
CA LEU A 138 -24.70 -8.72 7.88
C LEU A 138 -24.79 -8.67 9.41
N ALA A 139 -23.72 -8.22 10.07
CA ALA A 139 -23.71 -8.05 11.53
C ALA A 139 -24.75 -7.02 11.99
N LEU A 140 -24.86 -5.90 11.25
CA LEU A 140 -25.88 -4.88 11.55
C LEU A 140 -27.31 -5.42 11.44
N GLU A 141 -27.57 -6.26 10.44
CA GLU A 141 -28.87 -6.93 10.29
C GLU A 141 -29.18 -7.86 11.47
N VAL A 142 -28.19 -8.68 11.84
CA VAL A 142 -28.33 -9.62 12.98
C VAL A 142 -28.58 -8.86 14.28
N ALA A 143 -27.86 -7.76 14.49
CA ALA A 143 -28.05 -6.91 15.67
C ALA A 143 -29.48 -6.35 15.76
N LYS A 144 -30.02 -5.93 14.62
CA LYS A 144 -31.41 -5.43 14.54
C LYS A 144 -32.42 -6.54 14.87
N GLU A 145 -32.26 -7.71 14.23
CA GLU A 145 -33.13 -8.87 14.48
C GLU A 145 -33.17 -9.31 15.93
N LEU A 146 -32.02 -9.36 16.59
CA LEU A 146 -31.92 -9.82 17.98
C LEU A 146 -32.06 -8.71 19.03
N ASN A 147 -32.31 -7.47 18.58
CA ASN A 147 -32.41 -6.29 19.47
C ASN A 147 -31.15 -6.10 20.33
N ILE A 148 -30.00 -6.25 19.69
CA ILE A 148 -28.70 -6.10 20.36
C ILE A 148 -28.09 -4.78 19.89
N LYS A 149 -27.56 -4.03 20.86
CA LYS A 149 -26.85 -2.79 20.58
C LYS A 149 -25.47 -3.16 20.03
N LEU A 150 -25.13 -2.65 18.85
CA LEU A 150 -23.86 -2.96 18.17
C LEU A 150 -23.24 -1.67 17.65
N ARG A 151 -22.01 -1.39 18.09
CA ARG A 151 -21.28 -0.18 17.70
C ARG A 151 -20.22 -0.50 16.64
N ALA A 152 -20.05 0.40 15.68
CA ALA A 152 -18.97 0.33 14.70
C ALA A 152 -17.84 1.24 15.18
N GLY A 153 -16.59 0.84 14.96
CA GLY A 153 -15.46 1.62 15.45
C GLY A 153 -14.09 1.19 14.97
N ILE A 154 -13.09 1.93 15.43
CA ILE A 154 -11.69 1.67 15.11
C ILE A 154 -11.08 0.91 16.30
N ILE A 155 -10.33 -0.14 16.01
CA ILE A 155 -9.61 -0.90 17.05
C ILE A 155 -8.10 -0.71 16.85
N ALA A 156 -7.41 -0.37 17.95
CA ALA A 156 -5.95 -0.28 17.97
C ALA A 156 -5.40 -1.58 18.57
N THR A 157 -4.53 -2.26 17.82
CA THR A 157 -3.96 -3.54 18.23
C THR A 157 -2.49 -3.38 18.57
N GLY A 158 -2.04 -4.08 19.61
CA GLY A 158 -0.61 -4.14 19.91
C GLY A 158 -0.36 -5.26 20.90
N ASP A 159 0.90 -5.52 21.18
CA ASP A 159 1.27 -6.68 22.00
C ASP A 159 1.45 -6.34 23.50
N GLU A 160 0.75 -5.30 23.97
CA GLU A 160 0.69 -4.94 25.38
C GLU A 160 -0.74 -4.99 25.91
N PHE A 161 -0.93 -5.52 27.12
CA PHE A 161 -2.20 -5.35 27.83
C PHE A 161 -2.23 -3.94 28.40
N ILE A 162 -3.16 -3.11 27.91
CA ILE A 162 -3.24 -1.70 28.29
C ILE A 162 -4.03 -1.54 29.59
N CYS A 163 -3.36 -1.03 30.63
CA CYS A 163 -3.97 -0.82 31.93
C CYS A 163 -3.35 0.42 32.59
N ASP A 164 -3.44 1.53 31.86
CA ASP A 164 -2.70 2.75 32.16
C ASP A 164 -3.46 3.87 31.44
N GLU A 165 -3.90 4.88 32.19
CA GLU A 165 -4.72 5.96 31.64
C GLU A 165 -3.99 6.78 30.58
N ALA A 166 -2.69 7.04 30.80
CA ALA A 166 -1.89 7.82 29.87
C ALA A 166 -1.71 7.11 28.52
N LYS A 167 -1.37 5.83 28.56
CA LYS A 167 -1.23 4.98 27.37
C LYS A 167 -2.56 4.88 26.61
N LYS A 168 -3.62 4.58 27.34
CA LYS A 168 -4.99 4.58 26.80
C LYS A 168 -5.33 5.87 26.03
N ALA A 169 -5.07 7.02 26.68
CA ALA A 169 -5.37 8.32 26.09
C ALA A 169 -4.54 8.60 24.83
N LYS A 170 -3.25 8.27 24.90
CA LYS A 170 -2.33 8.51 23.79
C LYS A 170 -2.70 7.68 22.55
N ILE A 171 -3.01 6.40 22.76
CA ILE A 171 -3.39 5.52 21.64
C ILE A 171 -4.76 5.95 21.07
N ARG A 172 -5.70 6.28 21.94
CA ARG A 172 -7.01 6.79 21.51
C ARG A 172 -6.86 8.04 20.62
N GLU A 173 -6.05 8.99 21.05
CA GLU A 173 -5.83 10.23 20.32
C GLU A 173 -5.17 10.01 18.95
N ILE A 174 -4.10 9.22 18.91
CA ILE A 174 -3.33 9.03 17.67
C ILE A 174 -4.16 8.34 16.58
N PHE A 175 -4.88 7.28 16.94
CA PHE A 175 -5.60 6.45 15.96
C PHE A 175 -7.12 6.64 15.96
N ASN A 176 -7.64 7.52 16.79
CA ASN A 176 -9.09 7.68 17.00
C ASN A 176 -9.73 6.33 17.32
N ALA A 177 -9.07 5.59 18.21
CA ALA A 177 -9.44 4.21 18.52
C ALA A 177 -10.54 4.13 19.58
N ASP A 178 -11.51 3.26 19.34
CA ASP A 178 -12.63 3.03 20.27
C ASP A 178 -12.35 1.92 21.27
N ALA A 179 -11.38 1.05 20.96
CA ALA A 179 -10.98 -0.02 21.88
C ALA A 179 -9.60 -0.53 21.52
N CYS A 180 -9.01 -1.31 22.43
CA CYS A 180 -7.72 -1.94 22.20
C CYS A 180 -7.78 -3.44 22.47
N GLU A 181 -6.89 -4.16 21.81
CA GLU A 181 -6.72 -5.60 22.00
C GLU A 181 -5.38 -5.99 21.34
N MET A 182 -5.12 -7.29 21.21
CA MET A 182 -3.79 -7.76 20.86
C MET A 182 -3.75 -8.68 19.63
N GLU A 183 -4.86 -8.75 18.88
CA GLU A 183 -4.98 -9.68 17.74
C GLU A 183 -5.69 -9.14 16.48
N GLY A 184 -6.44 -8.06 16.58
CA GLY A 184 -7.39 -7.68 15.51
C GLY A 184 -6.73 -7.27 14.21
N ALA A 185 -5.81 -6.32 14.31
CA ALA A 185 -5.14 -5.77 13.12
C ALA A 185 -4.35 -6.84 12.38
N SER A 186 -3.69 -7.72 13.16
CA SER A 186 -2.90 -8.80 12.59
C SER A 186 -3.78 -9.81 11.85
N VAL A 187 -4.92 -10.17 12.44
CA VAL A 187 -5.86 -11.10 11.80
C VAL A 187 -6.45 -10.49 10.53
N ALA A 188 -6.90 -9.24 10.63
CA ALA A 188 -7.50 -8.54 9.48
C ALA A 188 -6.50 -8.36 8.32
N LEU A 189 -5.24 -8.11 8.66
CA LEU A 189 -4.17 -8.02 7.67
C LEU A 189 -3.97 -9.34 6.90
N VAL A 190 -3.89 -10.46 7.63
CA VAL A 190 -3.72 -11.78 7.01
C VAL A 190 -4.87 -12.08 6.06
N CYS A 191 -6.09 -11.84 6.53
CA CYS A 191 -7.28 -12.12 5.74
C CYS A 191 -7.30 -11.30 4.45
N ASP A 192 -7.04 -10.00 4.56
CA ASP A 192 -6.91 -9.12 3.40
C ASP A 192 -5.83 -9.61 2.43
N ALA A 193 -4.67 -9.97 2.97
CA ALA A 193 -3.56 -10.46 2.15
C ALA A 193 -3.93 -11.73 1.37
N LEU A 194 -4.68 -12.63 2.02
CA LEU A 194 -5.10 -13.89 1.41
C LEU A 194 -6.49 -13.84 0.72
N LYS A 195 -7.06 -12.63 0.58
CA LYS A 195 -8.32 -12.40 -0.12
C LYS A 195 -9.52 -13.14 0.50
N VAL A 196 -9.55 -13.16 1.83
CA VAL A 196 -10.63 -13.76 2.60
C VAL A 196 -11.35 -12.64 3.34
N PRO A 197 -12.69 -12.53 3.18
CA PRO A 197 -13.49 -11.58 3.98
C PRO A 197 -13.33 -11.79 5.48
N CYS A 198 -13.08 -10.70 6.21
CA CYS A 198 -12.79 -10.72 7.65
C CYS A 198 -13.78 -9.86 8.42
N PHE A 199 -14.25 -10.39 9.55
CA PHE A 199 -15.09 -9.66 10.51
C PHE A 199 -14.42 -9.75 11.88
N ILE A 200 -14.26 -8.60 12.55
CA ILE A 200 -13.64 -8.56 13.88
C ILE A 200 -14.64 -8.02 14.90
N LEU A 201 -15.07 -8.87 15.83
CA LEU A 201 -16.04 -8.50 16.86
C LEU A 201 -15.42 -8.63 18.24
N ARG A 202 -15.61 -7.60 19.07
CA ARG A 202 -15.13 -7.60 20.44
C ARG A 202 -16.23 -7.15 21.40
N ALA A 203 -16.38 -7.88 22.50
CA ALA A 203 -17.18 -7.44 23.65
C ALA A 203 -16.25 -6.88 24.72
N MET A 204 -16.60 -5.72 25.28
CA MET A 204 -15.73 -5.06 26.23
C MET A 204 -15.65 -5.84 27.54
N SER A 205 -14.43 -6.08 28.01
CA SER A 205 -14.17 -6.73 29.30
C SER A 205 -13.65 -5.79 30.38
N ASP A 206 -13.18 -4.62 29.97
CA ASP A 206 -12.58 -3.63 30.89
C ASP A 206 -12.47 -2.29 30.16
N LYS A 207 -11.98 -1.27 30.86
CA LYS A 207 -11.83 0.07 30.28
C LYS A 207 -10.36 0.50 30.15
N ALA A 208 -9.45 -0.48 30.20
CA ALA A 208 -8.03 -0.27 29.86
C ALA A 208 -7.29 0.77 30.72
N GLY A 209 -7.80 1.03 31.92
CA GLY A 209 -7.20 2.02 32.84
C GLY A 209 -6.61 1.31 34.03
N GLU A 210 -6.52 2.03 35.16
CA GLU A 210 -6.10 1.40 36.41
C GLU A 210 -7.12 0.36 36.79
N LYS A 211 -6.65 -0.79 37.26
CA LYS A 211 -7.53 -1.91 37.61
C LYS A 211 -8.17 -2.65 36.43
N ALA A 212 -7.73 -2.37 35.20
CA ALA A 212 -8.22 -3.11 34.02
C ALA A 212 -7.99 -4.61 34.12
N GLU A 213 -6.87 -5.02 34.72
CA GLU A 213 -6.58 -6.44 34.94
C GLU A 213 -7.62 -7.11 35.85
N PHE A 214 -8.13 -6.38 36.83
CA PHE A 214 -9.14 -6.90 37.76
C PHE A 214 -10.52 -6.98 37.11
N ASP A 215 -10.90 -5.94 36.36
CA ASP A 215 -12.14 -5.97 35.57
C ASP A 215 -12.10 -7.09 34.53
N PHE A 216 -10.96 -7.25 33.86
CA PHE A 216 -10.81 -8.34 32.89
C PHE A 216 -11.11 -9.71 33.52
N ASP A 217 -10.45 -10.01 34.63
CA ASP A 217 -10.66 -11.27 35.36
C ASP A 217 -12.13 -11.49 35.71
N GLU A 218 -12.80 -10.45 36.16
CA GLU A 218 -14.20 -10.55 36.56
C GLU A 218 -15.15 -10.76 35.37
N PHE A 219 -14.90 -10.06 34.26
CA PHE A 219 -15.88 -9.99 33.15
C PHE A 219 -15.51 -10.77 31.90
N VAL A 220 -14.30 -11.32 31.80
CA VAL A 220 -13.88 -12.01 30.57
C VAL A 220 -14.82 -13.14 30.16
N ILE A 221 -15.17 -14.02 31.10
CA ILE A 221 -15.99 -15.20 30.76
C ILE A 221 -17.33 -14.78 30.15
N ASN A 222 -18.00 -13.82 30.77
CA ASN A 222 -19.32 -13.37 30.31
C ASN A 222 -19.26 -12.57 29.00
N SER A 223 -18.33 -11.62 28.92
CA SER A 223 -18.16 -10.82 27.70
C SER A 223 -17.79 -11.71 26.50
N ALA A 224 -16.94 -12.71 26.75
CA ALA A 224 -16.56 -13.67 25.71
C ALA A 224 -17.75 -14.43 25.15
N LYS A 225 -18.69 -14.80 26.01
CA LYS A 225 -19.92 -15.49 25.58
C LYS A 225 -20.81 -14.58 24.72
N ILE A 226 -20.89 -13.29 25.07
CA ILE A 226 -21.71 -12.34 24.33
C ILE A 226 -21.22 -12.23 22.88
N SER A 227 -19.90 -12.09 22.71
CA SER A 227 -19.29 -12.03 21.39
C SER A 227 -19.46 -13.35 20.63
N ALA A 228 -19.19 -14.47 21.31
CA ALA A 228 -19.28 -15.80 20.71
C ALA A 228 -20.69 -16.14 20.23
N ASN A 229 -21.70 -15.83 21.03
CA ASN A 229 -23.10 -16.03 20.65
C ASN A 229 -23.39 -15.29 19.36
N PHE A 230 -22.93 -14.04 19.29
CA PHE A 230 -23.22 -13.18 18.15
C PHE A 230 -22.66 -13.71 16.82
N VAL A 231 -21.39 -14.13 16.81
CA VAL A 231 -20.79 -14.67 15.58
C VAL A 231 -21.45 -15.97 15.12
N LEU A 232 -21.93 -16.79 16.06
CA LEU A 232 -22.68 -18.00 15.70
C LEU A 232 -24.02 -17.64 15.06
N LYS A 233 -24.67 -16.59 15.55
CA LYS A 233 -25.89 -16.06 14.93
C LYS A 233 -25.63 -15.55 13.49
N MET A 234 -24.44 -14.99 13.24
CA MET A 234 -24.04 -14.61 11.89
C MET A 234 -23.85 -15.81 10.96
N CYS A 235 -23.33 -16.92 11.50
CA CYS A 235 -23.20 -18.16 10.72
C CYS A 235 -24.56 -18.71 10.26
N GLU A 236 -25.61 -18.47 11.03
CA GLU A 236 -26.98 -18.83 10.62
C GLU A 236 -27.43 -18.07 9.37
N LYS A 237 -27.13 -16.77 9.32
CA LYS A 237 -27.51 -15.93 8.17
C LYS A 237 -26.60 -16.05 6.95
N LEU A 238 -25.38 -16.56 7.15
CA LEU A 238 -24.44 -16.75 6.03
C LEU A 238 -24.86 -17.93 5.15
N GLY B 10 -30.47 1.39 -25.11
CA GLY B 10 -29.54 1.66 -23.97
C GLY B 10 -28.10 1.95 -24.38
N MET B 11 -27.22 2.13 -23.41
CA MET B 11 -25.82 2.46 -23.66
C MET B 11 -24.92 2.03 -22.50
N LYS B 12 -23.61 2.02 -22.78
CA LYS B 12 -22.61 1.65 -21.78
C LYS B 12 -22.26 2.90 -20.97
N ILE B 13 -22.58 2.88 -19.68
CA ILE B 13 -22.36 4.04 -18.79
C ILE B 13 -21.30 3.69 -17.76
N ALA B 14 -20.27 4.54 -17.67
CA ALA B 14 -19.27 4.42 -16.62
C ALA B 14 -19.74 5.24 -15.44
N ILE B 15 -19.69 4.64 -14.24
CA ILE B 15 -19.89 5.39 -13.00
C ILE B 15 -18.61 5.27 -12.18
N LEU B 16 -17.95 6.40 -11.93
CA LEU B 16 -16.62 6.40 -11.34
C LEU B 16 -16.63 7.25 -10.09
N GLY B 17 -16.00 6.72 -9.03
CA GLY B 17 -15.66 7.49 -7.84
C GLY B 17 -14.18 7.25 -7.50
N ALA B 18 -13.71 7.91 -6.45
CA ALA B 18 -12.32 7.75 -6.00
C ALA B 18 -12.19 6.69 -4.89
N MET B 19 -13.13 6.70 -3.95
CA MET B 19 -13.07 5.87 -2.74
C MET B 19 -14.19 4.84 -2.74
N SER B 20 -13.97 3.72 -2.05
CA SER B 20 -15.01 2.68 -1.91
C SER B 20 -16.34 3.22 -1.42
N GLU B 21 -16.27 4.18 -0.48
CA GLU B 21 -17.46 4.82 0.09
C GLU B 21 -18.34 5.53 -0.94
N GLU B 22 -17.74 5.97 -2.04
CA GLU B 22 -18.46 6.69 -3.10
C GLU B 22 -19.16 5.78 -4.11
N ILE B 23 -18.76 4.51 -4.14
CA ILE B 23 -19.26 3.54 -5.12
C ILE B 23 -20.02 2.34 -4.50
N THR B 24 -19.61 1.88 -3.32
CA THR B 24 -20.26 0.73 -2.69
C THR B 24 -21.78 0.90 -2.49
N PRO B 25 -22.28 2.11 -2.19
CA PRO B 25 -23.74 2.30 -2.14
C PRO B 25 -24.47 1.94 -3.44
N LEU B 26 -23.83 2.16 -4.59
CA LEU B 26 -24.40 1.73 -5.87
C LEU B 26 -24.36 0.21 -6.03
N LEU B 27 -23.26 -0.42 -5.62
CA LEU B 27 -23.13 -1.88 -5.71
C LEU B 27 -24.14 -2.61 -4.82
N GLU B 28 -24.40 -2.05 -3.63
CA GLU B 28 -25.42 -2.59 -2.71
C GLU B 28 -26.84 -2.44 -3.26
N THR B 29 -27.11 -1.37 -4.02
CA THR B 29 -28.39 -1.18 -4.68
C THR B 29 -28.54 -2.12 -5.89
N LEU B 30 -27.47 -2.28 -6.67
CA LEU B 30 -27.51 -3.10 -7.88
C LEU B 30 -27.56 -4.60 -7.59
N LYS B 31 -26.87 -5.04 -6.53
CA LYS B 31 -26.93 -6.41 -6.01
C LYS B 31 -26.31 -7.46 -6.92
N ASP B 32 -26.84 -7.60 -8.13
CA ASP B 32 -26.28 -8.52 -9.13
C ASP B 32 -25.28 -7.77 -10.00
N TYR B 33 -24.00 -8.10 -9.82
CA TYR B 33 -22.92 -7.57 -10.63
C TYR B 33 -21.78 -8.58 -10.70
N THR B 34 -20.97 -8.47 -11.76
CA THR B 34 -19.76 -9.26 -11.90
C THR B 34 -18.54 -8.35 -11.77
N LYS B 35 -17.38 -8.98 -11.55
CA LYS B 35 -16.12 -8.28 -11.30
C LYS B 35 -15.05 -8.67 -12.32
N ILE B 36 -14.22 -7.70 -12.72
CA ILE B 36 -12.98 -7.98 -13.45
C ILE B 36 -11.83 -7.28 -12.75
N GLU B 37 -10.76 -8.00 -12.52
CA GLU B 37 -9.53 -7.42 -11.99
C GLU B 37 -8.71 -6.92 -13.16
N HIS B 38 -8.41 -5.61 -13.16
CA HIS B 38 -7.60 -4.98 -14.21
C HIS B 38 -6.96 -3.69 -13.68
N ALA B 39 -5.77 -3.39 -14.17
CA ALA B 39 -5.05 -2.14 -13.79
C ALA B 39 -4.90 -1.99 -12.27
N ASN B 40 -4.58 -3.10 -11.60
CA ASN B 40 -4.42 -3.15 -10.15
C ASN B 40 -5.63 -2.56 -9.41
N ASN B 41 -6.81 -2.97 -9.85
CA ASN B 41 -8.07 -2.46 -9.32
C ASN B 41 -9.15 -3.47 -9.70
N THR B 42 -10.37 -3.26 -9.21
CA THR B 42 -11.52 -4.04 -9.62
C THR B 42 -12.52 -3.16 -10.33
N TYR B 43 -13.06 -3.65 -11.45
CA TYR B 43 -14.12 -2.99 -12.19
C TYR B 43 -15.37 -3.85 -12.12
N TYR B 44 -16.52 -3.20 -11.90
CA TYR B 44 -17.78 -3.88 -11.61
C TYR B 44 -18.75 -3.67 -12.77
N PHE B 45 -19.52 -4.70 -13.10
CA PHE B 45 -20.40 -4.68 -14.28
C PHE B 45 -21.81 -5.13 -13.92
N ALA B 46 -22.80 -4.34 -14.31
CA ALA B 46 -24.19 -4.61 -13.96
C ALA B 46 -25.17 -4.05 -15.00
N LYS B 47 -26.30 -4.70 -15.15
CA LYS B 47 -27.40 -4.20 -15.97
C LYS B 47 -28.20 -3.22 -15.10
N TYR B 48 -28.70 -2.16 -15.70
CA TYR B 48 -29.62 -1.24 -15.02
C TYR B 48 -30.54 -0.60 -16.05
N LYS B 49 -31.84 -0.89 -15.97
CA LYS B 49 -32.80 -0.61 -17.04
C LYS B 49 -32.29 -1.24 -18.36
N ASP B 50 -32.30 -0.49 -19.47
CA ASP B 50 -31.70 -0.95 -20.73
C ASP B 50 -30.17 -0.77 -20.78
N HIS B 51 -29.58 -0.11 -19.79
CA HIS B 51 -28.15 0.24 -19.81
C HIS B 51 -27.25 -0.86 -19.26
N GLU B 52 -26.00 -0.80 -19.67
CA GLU B 52 -24.94 -1.66 -19.13
C GLU B 52 -23.97 -0.75 -18.38
N LEU B 53 -23.90 -0.91 -17.05
CA LEU B 53 -23.05 -0.07 -16.21
C LEU B 53 -21.67 -0.70 -16.02
N VAL B 54 -20.63 0.15 -16.00
CA VAL B 54 -19.30 -0.24 -15.53
C VAL B 54 -18.96 0.72 -14.38
N LEU B 55 -18.63 0.15 -13.21
CA LEU B 55 -18.40 0.95 -12.01
C LEU B 55 -17.02 0.65 -11.44
N ALA B 56 -16.46 1.64 -10.76
CA ALA B 56 -15.17 1.47 -10.11
C ALA B 56 -14.93 2.64 -9.18
N TYR B 57 -14.14 2.39 -8.14
CA TYR B 57 -13.50 3.47 -7.43
C TYR B 57 -12.02 3.40 -7.81
N SER B 58 -11.47 4.54 -8.22
CA SER B 58 -10.15 4.59 -8.84
C SER B 58 -8.97 4.48 -7.88
N LYS B 59 -9.23 4.72 -6.59
CA LYS B 59 -8.24 5.16 -5.60
C LYS B 59 -7.98 6.66 -5.80
N ILE B 60 -7.46 7.32 -4.77
CA ILE B 60 -7.54 8.78 -4.73
C ILE B 60 -6.49 9.44 -5.63
N GLY B 61 -6.86 10.58 -6.19
CA GLY B 61 -5.91 11.47 -6.85
C GLY B 61 -5.98 11.48 -8.35
N LYS B 62 -5.18 12.35 -8.94
CA LYS B 62 -5.27 12.64 -10.37
C LYS B 62 -4.78 11.48 -11.21
N VAL B 63 -3.65 10.86 -10.84
CA VAL B 63 -3.11 9.76 -11.65
C VAL B 63 -4.04 8.56 -11.63
N ASN B 64 -4.49 8.16 -10.43
CA ASN B 64 -5.37 6.99 -10.29
C ASN B 64 -6.68 7.19 -11.07
N SER B 65 -7.29 8.36 -10.94
CA SER B 65 -8.56 8.66 -11.62
C SER B 65 -8.41 8.75 -13.14
N THR B 66 -7.29 9.32 -13.61
CA THR B 66 -6.96 9.40 -15.04
C THR B 66 -6.89 8.00 -15.62
N LEU B 67 -6.18 7.11 -14.93
CA LEU B 67 -6.04 5.72 -15.40
C LEU B 67 -7.39 5.01 -15.49
N SER B 68 -8.20 5.12 -14.43
CA SER B 68 -9.53 4.49 -14.41
C SER B 68 -10.45 5.00 -15.51
N ALA B 69 -10.52 6.31 -15.69
CA ALA B 69 -11.32 6.90 -16.77
C ALA B 69 -10.87 6.39 -18.14
N SER B 70 -9.55 6.33 -18.35
CA SER B 70 -8.97 5.82 -19.58
CA SER B 70 -8.96 5.82 -19.58
C SER B 70 -9.37 4.36 -19.84
N VAL B 71 -9.21 3.53 -18.82
CA VAL B 71 -9.56 2.11 -18.88
C VAL B 71 -11.06 1.89 -19.14
N MET B 72 -11.90 2.63 -18.44
CA MET B 72 -13.37 2.45 -18.55
C MET B 72 -13.89 2.79 -19.95
N ILE B 73 -13.25 3.77 -20.60
CA ILE B 73 -13.61 4.18 -21.95
C ILE B 73 -12.97 3.24 -22.97
N GLU B 74 -11.65 3.10 -22.91
CA GLU B 74 -10.90 2.34 -23.94
C GLU B 74 -11.14 0.84 -23.85
N LYS B 75 -10.94 0.27 -22.67
CA LYS B 75 -11.09 -1.18 -22.48
C LYS B 75 -12.55 -1.61 -22.35
N PHE B 76 -13.35 -0.90 -21.56
CA PHE B 76 -14.71 -1.34 -21.24
C PHE B 76 -15.81 -0.57 -21.99
N GLY B 77 -15.43 0.25 -22.96
CA GLY B 77 -16.37 0.80 -23.95
C GLY B 77 -17.37 1.83 -23.48
N ALA B 78 -17.08 2.50 -22.36
CA ALA B 78 -18.00 3.49 -21.82
C ALA B 78 -18.28 4.58 -22.86
N GLN B 79 -19.57 4.86 -23.06
CA GLN B 79 -20.04 5.90 -23.99
C GLN B 79 -20.42 7.18 -23.25
N VAL B 80 -20.63 7.08 -21.95
CA VAL B 80 -20.86 8.22 -21.07
C VAL B 80 -20.14 7.89 -19.75
N LEU B 81 -19.67 8.92 -19.04
CA LEU B 81 -19.04 8.74 -17.74
C LEU B 81 -19.64 9.74 -16.76
N LEU B 82 -20.18 9.21 -15.66
CA LEU B 82 -20.69 10.02 -14.57
C LEU B 82 -19.74 9.83 -13.39
N PHE B 83 -19.22 10.94 -12.86
CA PHE B 83 -18.41 10.87 -11.65
C PHE B 83 -19.25 11.24 -10.45
N THR B 84 -19.14 10.43 -9.40
CA THR B 84 -19.85 10.64 -8.13
C THR B 84 -18.88 10.59 -6.96
N GLY B 85 -19.01 11.53 -6.04
CA GLY B 85 -18.21 11.51 -4.84
C GLY B 85 -18.44 12.71 -3.97
N VAL B 86 -17.49 12.97 -3.09
CA VAL B 86 -17.57 14.08 -2.15
C VAL B 86 -16.52 15.15 -2.47
N ALA B 87 -16.66 16.33 -1.83
CA ALA B 87 -15.75 17.45 -2.08
C ALA B 87 -15.70 18.44 -0.91
N GLY B 88 -14.68 19.29 -0.92
CA GLY B 88 -14.53 20.36 0.07
C GLY B 88 -15.13 21.64 -0.47
N ALA B 89 -16.07 22.23 0.27
CA ALA B 89 -16.77 23.46 -0.16
C ALA B 89 -15.89 24.70 -0.02
N PHE B 90 -15.87 25.51 -1.08
CA PHE B 90 -15.23 26.84 -1.08
C PHE B 90 -16.28 27.96 -1.04
N ASN B 91 -17.33 27.84 -1.86
CA ASN B 91 -18.42 28.82 -1.89
C ASN B 91 -19.11 28.84 -0.52
N PRO B 92 -19.18 30.02 0.14
CA PRO B 92 -19.77 30.08 1.49
C PRO B 92 -21.26 29.68 1.58
N GLU B 93 -21.99 29.78 0.47
CA GLU B 93 -23.38 29.34 0.42
C GLU B 93 -23.57 27.81 0.41
N LEU B 94 -22.52 27.05 0.07
CA LEU B 94 -22.59 25.59 0.13
C LEU B 94 -22.47 25.09 1.58
N GLU B 95 -23.38 24.20 1.96
CA GLU B 95 -23.36 23.53 3.25
C GLU B 95 -23.01 22.07 3.07
N ILE B 96 -22.58 21.45 4.15
CA ILE B 96 -22.25 20.02 4.15
C ILE B 96 -23.49 19.23 3.70
N GLY B 97 -23.28 18.30 2.77
CA GLY B 97 -24.36 17.54 2.16
C GLY B 97 -24.90 18.09 0.84
N ASP B 98 -24.65 19.37 0.54
CA ASP B 98 -25.16 20.00 -0.68
C ASP B 98 -24.48 19.44 -1.94
N LEU B 99 -25.26 19.28 -3.00
CA LEU B 99 -24.77 18.80 -4.28
C LEU B 99 -24.28 19.94 -5.18
N LEU B 100 -23.16 19.71 -5.83
CA LEU B 100 -22.57 20.64 -6.80
C LEU B 100 -22.17 19.83 -8.03
N TYR B 101 -22.62 20.23 -9.21
CA TYR B 101 -22.07 19.69 -10.45
C TYR B 101 -21.12 20.71 -11.06
N ALA B 102 -20.05 20.23 -11.67
CA ALA B 102 -19.02 21.09 -12.26
C ALA B 102 -19.39 21.48 -13.69
N THR B 103 -19.46 22.78 -13.95
CA THR B 103 -19.58 23.26 -15.33
C THR B 103 -18.20 23.20 -16.01
N LYS B 104 -17.17 23.56 -15.26
CA LYS B 104 -15.79 23.34 -15.72
C LYS B 104 -14.84 23.15 -14.55
N LEU B 105 -13.64 22.63 -14.86
CA LEU B 105 -12.67 22.24 -13.84
C LEU B 105 -11.25 22.60 -14.25
N ALA B 106 -10.41 22.94 -13.27
CA ALA B 106 -8.98 23.22 -13.48
C ALA B 106 -8.15 22.39 -12.52
N GLN B 107 -6.88 22.18 -12.87
CA GLN B 107 -5.89 21.62 -11.97
C GLN B 107 -5.11 22.77 -11.33
N TYR B 108 -5.42 23.08 -10.08
CA TYR B 108 -4.78 24.20 -9.37
C TYR B 108 -3.30 23.99 -9.05
N ASP B 109 -2.84 22.73 -9.08
CA ASP B 109 -1.47 22.37 -8.69
C ASP B 109 -0.58 22.02 -9.89
N LEU B 110 -1.04 22.32 -11.11
CA LEU B 110 -0.26 22.10 -12.32
C LEU B 110 0.40 23.43 -12.64
N ASP B 111 1.71 23.48 -12.49
CA ASP B 111 2.42 24.75 -12.27
C ASP B 111 3.76 24.80 -13.00
N ILE B 112 3.77 25.46 -14.15
CA ILE B 112 5.00 25.88 -14.81
C ILE B 112 4.99 27.42 -14.95
N THR B 113 4.52 28.07 -13.89
CA THR B 113 4.46 29.54 -13.84
C THR B 113 5.84 30.18 -13.92
N ALA B 114 6.90 29.46 -13.54
CA ALA B 114 8.28 29.95 -13.71
C ALA B 114 8.62 30.37 -15.15
N PHE B 115 7.95 29.76 -16.12
CA PHE B 115 8.11 30.10 -17.54
C PHE B 115 7.07 31.11 -18.07
N GLY B 116 6.35 31.79 -17.17
CA GLY B 116 5.40 32.84 -17.55
C GLY B 116 3.97 32.42 -17.83
N HIS B 117 3.69 31.11 -17.80
CA HIS B 117 2.34 30.60 -18.08
C HIS B 117 1.44 30.84 -16.88
N PRO B 118 0.11 30.93 -17.12
CA PRO B 118 -0.83 30.96 -15.99
C PRO B 118 -0.81 29.65 -15.20
N LEU B 119 -1.12 29.73 -13.91
CA LEU B 119 -1.31 28.53 -13.08
C LEU B 119 -2.39 27.65 -13.68
N GLY B 120 -2.11 26.34 -13.79
CA GLY B 120 -3.03 25.38 -14.38
C GLY B 120 -2.90 25.16 -15.87
N PHE B 121 -2.06 25.95 -16.53
CA PHE B 121 -1.84 25.83 -17.96
C PHE B 121 -0.57 25.07 -18.27
N VAL B 122 -0.66 24.11 -19.20
CA VAL B 122 0.51 23.57 -19.89
C VAL B 122 0.26 23.56 -21.40
N PRO B 123 1.33 23.68 -22.22
CA PRO B 123 1.21 23.68 -23.66
C PRO B 123 0.43 22.50 -24.23
N GLY B 124 -0.43 22.79 -25.20
CA GLY B 124 -1.31 21.79 -25.80
C GLY B 124 -2.66 21.66 -25.14
N ASN B 125 -2.78 22.14 -23.91
CA ASN B 125 -4.00 21.97 -23.10
C ASN B 125 -4.52 23.34 -22.70
N GLU B 126 -5.67 23.36 -22.03
CA GLU B 126 -6.36 24.60 -21.63
C GLU B 126 -6.43 24.65 -20.11
N ILE B 127 -6.77 25.80 -19.55
CA ILE B 127 -6.82 25.93 -18.08
C ILE B 127 -8.04 25.20 -17.53
N PHE B 128 -9.19 25.41 -18.16
CA PHE B 128 -10.43 24.74 -17.78
C PHE B 128 -10.87 23.71 -18.80
N ILE B 129 -11.36 22.58 -18.27
CA ILE B 129 -11.99 21.54 -19.06
C ILE B 129 -13.48 21.57 -18.75
N LYS B 130 -14.31 21.55 -19.78
CA LYS B 130 -15.77 21.62 -19.64
C LYS B 130 -16.38 20.23 -19.58
N THR B 131 -17.48 20.15 -18.84
CA THR B 131 -18.32 18.96 -18.79
C THR B 131 -19.39 19.06 -19.89
N ASP B 132 -20.14 17.98 -20.07
CA ASP B 132 -21.14 17.89 -21.14
C ASP B 132 -22.44 18.62 -20.81
N GLU B 133 -22.85 19.53 -21.69
CA GLU B 133 -24.05 20.37 -21.44
C GLU B 133 -25.36 19.58 -21.39
N LYS B 134 -25.50 18.54 -22.22
CA LYS B 134 -26.71 17.71 -22.19
C LYS B 134 -26.88 16.97 -20.86
N LEU B 135 -25.78 16.39 -20.37
CA LEU B 135 -25.79 15.71 -19.07
C LEU B 135 -26.08 16.68 -17.92
N ASN B 136 -25.50 17.88 -17.99
CA ASN B 136 -25.73 18.90 -16.97
C ASN B 136 -27.20 19.34 -16.92
N ASN B 137 -27.80 19.53 -18.10
CA ASN B 137 -29.23 19.87 -18.19
C ASN B 137 -30.13 18.74 -17.70
N LEU B 138 -29.77 17.49 -18.03
CA LEU B 138 -30.46 16.31 -17.50
C LEU B 138 -30.42 16.27 -15.96
N ALA B 139 -29.26 16.62 -15.38
CA ALA B 139 -29.13 16.70 -13.92
C ALA B 139 -30.06 17.76 -13.32
N LEU B 140 -30.17 18.92 -13.97
CA LEU B 140 -31.09 19.98 -13.52
C LEU B 140 -32.56 19.52 -13.54
N GLU B 141 -32.95 18.75 -14.56
CA GLU B 141 -34.30 18.17 -14.63
C GLU B 141 -34.56 17.18 -13.48
N VAL B 142 -33.60 16.29 -13.25
CA VAL B 142 -33.70 15.29 -12.16
C VAL B 142 -33.79 15.97 -10.80
N ALA B 143 -32.99 17.02 -10.60
CA ALA B 143 -33.03 17.81 -9.36
C ALA B 143 -34.41 18.44 -9.10
N LYS B 144 -35.02 18.95 -10.17
CA LYS B 144 -36.38 19.52 -10.09
C LYS B 144 -37.42 18.45 -9.74
N GLU B 145 -37.38 17.31 -10.45
CA GLU B 145 -38.28 16.18 -10.19
C GLU B 145 -38.22 15.65 -8.75
N LEU B 146 -37.01 15.51 -8.21
CA LEU B 146 -36.80 14.96 -6.86
C LEU B 146 -36.81 16.03 -5.74
N ASN B 147 -37.04 17.30 -6.10
CA ASN B 147 -37.02 18.42 -5.15
C ASN B 147 -35.68 18.51 -4.40
N ILE B 148 -34.59 18.36 -5.15
CA ILE B 148 -33.24 18.42 -4.60
C ILE B 148 -32.61 19.74 -5.04
N LYS B 149 -31.97 20.43 -4.10
CA LYS B 149 -31.23 21.66 -4.41
C LYS B 149 -29.92 21.24 -5.08
N LEU B 150 -29.65 21.78 -6.27
CA LEU B 150 -28.46 21.44 -7.06
C LEU B 150 -27.80 22.70 -7.57
N ARG B 151 -26.53 22.90 -7.21
CA ARG B 151 -25.78 24.08 -7.62
C ARG B 151 -24.82 23.75 -8.77
N ALA B 152 -24.68 24.70 -9.70
CA ALA B 152 -23.68 24.62 -10.77
C ALA B 152 -22.47 25.43 -10.34
N GLY B 153 -21.27 24.96 -10.69
CA GLY B 153 -20.06 25.66 -10.28
C GLY B 153 -18.76 25.19 -10.90
N ILE B 154 -17.68 25.86 -10.49
CA ILE B 154 -16.34 25.52 -10.93
C ILE B 154 -15.69 24.68 -9.83
N ILE B 155 -15.03 23.59 -10.23
CA ILE B 155 -14.28 22.75 -9.31
C ILE B 155 -12.78 22.86 -9.60
N ALA B 156 -11.99 23.11 -8.56
CA ALA B 156 -10.54 23.11 -8.64
C ALA B 156 -10.03 21.74 -8.14
N THR B 157 -9.25 21.06 -8.98
CA THR B 157 -8.74 19.73 -8.69
C THR B 157 -7.23 19.79 -8.44
N GLY B 158 -6.75 19.03 -7.47
CA GLY B 158 -5.33 18.87 -7.26
C GLY B 158 -5.07 17.70 -6.35
N ASP B 159 -3.80 17.35 -6.17
CA ASP B 159 -3.45 16.15 -5.41
C ASP B 159 -3.17 16.39 -3.92
N GLU B 160 -3.78 17.45 -3.35
CA GLU B 160 -3.73 17.73 -1.93
C GLU B 160 -5.13 17.75 -1.32
N PHE B 161 -5.28 17.17 -0.13
CA PHE B 161 -6.49 17.40 0.68
C PHE B 161 -6.36 18.78 1.31
N ILE B 162 -7.26 19.69 0.94
CA ILE B 162 -7.20 21.08 1.39
C ILE B 162 -7.87 21.24 2.76
N CYS B 163 -7.10 21.65 3.75
CA CYS B 163 -7.59 21.84 5.12
C CYS B 163 -6.85 23.01 5.77
N ASP B 164 -6.91 24.14 5.09
CA ASP B 164 -6.12 25.32 5.39
C ASP B 164 -6.82 26.52 4.77
N GLU B 165 -7.15 27.51 5.60
CA GLU B 165 -7.92 28.68 5.14
C GLU B 165 -7.19 29.51 4.08
N ALA B 166 -5.88 29.66 4.22
CA ALA B 166 -5.07 30.42 3.26
C ALA B 166 -5.05 29.76 1.87
N LYS B 167 -4.79 28.45 1.85
CA LYS B 167 -4.80 27.65 0.61
C LYS B 167 -6.17 27.67 -0.05
N LYS B 168 -7.21 27.41 0.73
CA LYS B 168 -8.61 27.52 0.30
C LYS B 168 -8.90 28.87 -0.38
N ALA B 169 -8.52 29.96 0.28
CA ALA B 169 -8.77 31.31 -0.24
C ALA B 169 -8.02 31.59 -1.53
N LYS B 170 -6.76 31.18 -1.58
CA LYS B 170 -5.90 31.39 -2.75
C LYS B 170 -6.44 30.65 -3.99
N ILE B 171 -6.83 29.38 -3.81
CA ILE B 171 -7.35 28.59 -4.93
C ILE B 171 -8.71 29.13 -5.38
N ARG B 172 -9.56 29.47 -4.40
CA ARG B 172 -10.87 30.08 -4.72
C ARG B 172 -10.72 31.35 -5.56
N GLU B 173 -9.80 32.24 -5.16
CA GLU B 173 -9.55 33.49 -5.86
C GLU B 173 -9.04 33.29 -7.29
N ILE B 174 -8.02 32.44 -7.44
CA ILE B 174 -7.37 32.25 -8.76
C ILE B 174 -8.33 31.66 -9.80
N PHE B 175 -9.08 30.64 -9.42
CA PHE B 175 -9.93 29.90 -10.36
C PHE B 175 -11.42 30.17 -10.25
N ASN B 176 -11.83 31.06 -9.33
CA ASN B 176 -13.25 31.28 -9.01
C ASN B 176 -13.94 29.95 -8.70
N ALA B 177 -13.26 29.14 -7.88
CA ALA B 177 -13.69 27.77 -7.61
C ALA B 177 -14.70 27.71 -6.47
N ASP B 178 -15.75 26.91 -6.68
CA ASP B 178 -16.80 26.70 -5.67
C ASP B 178 -16.52 25.53 -4.74
N ALA B 179 -15.63 24.62 -5.17
CA ALA B 179 -15.23 23.48 -4.33
C ALA B 179 -13.91 22.90 -4.83
N CYS B 180 -13.31 22.04 -4.00
CA CYS B 180 -12.08 21.35 -4.37
C CYS B 180 -12.21 19.84 -4.15
N GLU B 181 -11.41 19.11 -4.93
CA GLU B 181 -11.32 17.66 -4.82
C GLU B 181 -10.07 17.20 -5.59
N MET B 182 -9.89 15.89 -5.79
CA MET B 182 -8.62 15.37 -6.26
C MET B 182 -8.71 14.52 -7.53
N GLU B 183 -9.86 14.53 -8.20
CA GLU B 183 -10.09 13.67 -9.38
C GLU B 183 -10.87 14.30 -10.56
N GLY B 184 -11.56 15.42 -10.35
CA GLY B 184 -12.55 15.89 -11.32
C GLY B 184 -11.95 16.33 -12.64
N ALA B 185 -10.99 17.24 -12.57
CA ALA B 185 -10.35 17.82 -13.77
C ALA B 185 -9.65 16.75 -14.59
N SER B 186 -9.00 15.80 -13.91
CA SER B 186 -8.29 14.72 -14.58
C SER B 186 -9.26 13.80 -15.32
N VAL B 187 -10.38 13.45 -14.67
CA VAL B 187 -11.39 12.60 -15.30
C VAL B 187 -12.04 13.31 -16.49
N ALA B 188 -12.43 14.57 -16.30
CA ALA B 188 -13.07 15.37 -17.36
C ALA B 188 -12.14 15.59 -18.56
N LEU B 189 -10.84 15.74 -18.31
CA LEU B 189 -9.84 15.84 -19.37
C LEU B 189 -9.78 14.55 -20.20
N VAL B 190 -9.70 13.40 -19.54
CA VAL B 190 -9.66 12.11 -20.24
C VAL B 190 -10.90 11.92 -21.10
N CYS B 191 -12.07 12.21 -20.54
CA CYS B 191 -13.34 12.06 -21.24
C CYS B 191 -13.41 12.94 -22.49
N ASP B 192 -13.06 14.22 -22.33
CA ASP B 192 -12.96 15.16 -23.45
C ASP B 192 -11.98 14.66 -24.52
N ALA B 193 -10.80 14.20 -24.09
CA ALA B 193 -9.80 13.69 -25.02
C ALA B 193 -10.30 12.50 -25.82
N LEU B 194 -11.06 11.61 -25.17
CA LEU B 194 -11.61 10.41 -25.82
C LEU B 194 -13.04 10.58 -26.38
N LYS B 195 -13.54 11.82 -26.42
CA LYS B 195 -14.85 12.17 -27.00
C LYS B 195 -16.03 11.46 -26.31
N VAL B 196 -15.97 11.39 -24.99
CA VAL B 196 -17.02 10.81 -24.16
C VAL B 196 -17.63 11.93 -23.32
N PRO B 197 -18.97 12.12 -23.39
CA PRO B 197 -19.68 13.07 -22.51
C PRO B 197 -19.44 12.75 -21.03
N CYS B 198 -19.08 13.79 -20.26
CA CYS B 198 -18.68 13.66 -18.86
C CYS B 198 -19.58 14.51 -17.96
N PHE B 199 -19.98 13.94 -16.82
CA PHE B 199 -20.71 14.64 -15.76
C PHE B 199 -19.94 14.45 -14.46
N ILE B 200 -19.66 15.54 -13.74
CA ILE B 200 -18.94 15.49 -12.47
C ILE B 200 -19.84 16.02 -11.35
N LEU B 201 -20.24 15.14 -10.44
CA LEU B 201 -21.11 15.51 -9.30
C LEU B 201 -20.39 15.28 -7.98
N ARG B 202 -20.46 16.27 -7.10
CA ARG B 202 -19.88 16.17 -5.78
C ARG B 202 -20.87 16.64 -4.71
N ALA B 203 -20.98 15.86 -3.63
CA ALA B 203 -21.66 16.28 -2.41
C ALA B 203 -20.63 16.76 -1.40
N MET B 204 -20.88 17.90 -0.76
CA MET B 204 -19.91 18.46 0.16
C MET B 204 -19.79 17.61 1.42
N SER B 205 -18.54 17.29 1.78
CA SER B 205 -18.22 16.56 3.02
C SER B 205 -17.58 17.44 4.08
N ASP B 206 -17.08 18.62 3.69
CA ASP B 206 -16.37 19.53 4.59
C ASP B 206 -16.26 20.90 3.92
N LYS B 207 -15.66 21.86 4.63
CA LYS B 207 -15.47 23.22 4.10
C LYS B 207 -14.00 23.58 3.88
N ALA B 208 -13.14 22.56 3.80
CA ALA B 208 -11.74 22.72 3.37
C ALA B 208 -10.88 23.68 4.22
N GLY B 209 -11.27 23.92 5.46
CA GLY B 209 -10.55 24.83 6.37
C GLY B 209 -9.92 24.05 7.50
N GLU B 210 -9.81 24.67 8.68
CA GLU B 210 -9.15 24.01 9.80
C GLU B 210 -9.78 22.72 10.27
N LYS B 211 -11.11 22.62 10.39
CA LYS B 211 -11.71 21.39 10.88
C LYS B 211 -11.77 20.22 9.81
N ALA B 212 -11.31 20.46 8.58
CA ALA B 212 -11.86 19.77 7.41
C ALA B 212 -11.70 18.27 7.47
N GLU B 213 -10.55 17.80 7.98
CA GLU B 213 -10.30 16.36 8.13
C GLU B 213 -11.30 15.70 9.10
N PHE B 214 -11.71 16.44 10.13
CA PHE B 214 -12.69 15.91 11.11
C PHE B 214 -14.10 15.89 10.54
N ASP B 215 -14.49 16.96 9.84
CA ASP B 215 -15.78 16.99 9.15
C ASP B 215 -15.85 15.92 8.06
N PHE B 216 -14.77 15.73 7.32
CA PHE B 216 -14.72 14.68 6.30
C PHE B 216 -15.04 13.31 6.90
N ASP B 217 -14.32 12.94 7.96
CA ASP B 217 -14.53 11.66 8.65
C ASP B 217 -15.97 11.47 9.09
N GLU B 218 -16.58 12.53 9.62
CA GLU B 218 -17.96 12.47 10.10
C GLU B 218 -18.99 12.34 8.97
N PHE B 219 -18.79 13.07 7.88
CA PHE B 219 -19.84 13.22 6.85
C PHE B 219 -19.59 12.48 5.54
N VAL B 220 -18.41 11.89 5.34
CA VAL B 220 -18.10 11.25 4.04
C VAL B 220 -19.12 10.18 3.64
N ILE B 221 -19.46 9.27 4.55
CA ILE B 221 -20.33 8.14 4.21
C ILE B 221 -21.70 8.65 3.72
N ASN B 222 -22.28 9.60 4.44
CA ASN B 222 -23.61 10.12 4.11
C ASN B 222 -23.59 10.98 2.83
N SER B 223 -22.64 11.90 2.73
CA SER B 223 -22.52 12.75 1.53
C SER B 223 -22.27 11.91 0.28
N ALA B 224 -21.46 10.86 0.40
CA ALA B 224 -21.19 9.94 -0.71
C ALA B 224 -22.46 9.27 -1.23
N LYS B 225 -23.35 8.89 -0.30
CA LYS B 225 -24.65 8.29 -0.68
C LYS B 225 -25.55 9.27 -1.41
N ILE B 226 -25.55 10.53 -0.99
CA ILE B 226 -26.37 11.58 -1.62
C ILE B 226 -25.99 11.74 -3.09
N SER B 227 -24.68 11.83 -3.36
CA SER B 227 -24.17 11.92 -4.72
C SER B 227 -24.47 10.65 -5.52
N ALA B 228 -24.21 9.50 -4.92
CA ALA B 228 -24.41 8.20 -5.58
C ALA B 228 -25.87 7.94 -5.97
N ASN B 229 -26.79 8.27 -5.06
CA ASN B 229 -28.23 8.16 -5.34
C ASN B 229 -28.59 8.99 -6.57
N PHE B 230 -28.06 10.22 -6.61
CA PHE B 230 -28.39 11.15 -7.68
C PHE B 230 -27.96 10.67 -9.06
N VAL B 231 -26.72 10.19 -9.20
CA VAL B 231 -26.25 9.70 -10.51
C VAL B 231 -27.02 8.46 -10.98
N LEU B 232 -27.47 7.62 -10.05
CA LEU B 232 -28.31 6.47 -10.41
C LEU B 232 -29.68 6.92 -10.93
N LYS B 233 -30.23 7.98 -10.33
CA LYS B 233 -31.46 8.61 -10.84
C LYS B 233 -31.28 9.19 -12.24
N MET B 234 -30.10 9.70 -12.55
CA MET B 234 -29.77 10.14 -13.91
C MET B 234 -29.71 8.99 -14.92
N CYS B 235 -29.22 7.83 -14.49
CA CYS B 235 -29.21 6.64 -15.35
C CYS B 235 -30.63 6.18 -15.72
N GLU B 236 -31.61 6.42 -14.84
CA GLU B 236 -33.02 6.16 -15.17
C GLU B 236 -33.52 7.00 -16.33
N LYS B 237 -33.17 8.29 -16.34
CA LYS B 237 -33.59 9.22 -17.41
C LYS B 237 -32.78 9.10 -18.70
N LEU B 238 -31.58 8.54 -18.64
CA LEU B 238 -30.73 8.36 -19.83
C LEU B 238 -31.26 7.24 -20.72
N GLY C 10 10.81 -10.05 -32.43
CA GLY C 10 10.64 -8.62 -32.02
C GLY C 10 9.42 -8.37 -31.15
N MET C 11 9.20 -7.12 -30.77
CA MET C 11 8.08 -6.74 -29.88
C MET C 11 7.68 -5.29 -30.07
N LYS C 12 6.51 -4.95 -29.53
CA LYS C 12 5.97 -3.60 -29.61
C LYS C 12 6.53 -2.78 -28.46
N ILE C 13 7.33 -1.76 -28.77
CA ILE C 13 8.01 -0.95 -27.75
C ILE C 13 7.47 0.47 -27.79
N ALA C 14 7.01 0.96 -26.64
CA ALA C 14 6.60 2.34 -26.50
C ALA C 14 7.82 3.16 -26.09
N ILE C 15 8.04 4.29 -26.77
CA ILE C 15 9.02 5.28 -26.33
C ILE C 15 8.28 6.58 -26.06
N LEU C 16 8.33 7.04 -24.81
CA LEU C 16 7.50 8.16 -24.37
C LEU C 16 8.36 9.24 -23.77
N GLY C 17 8.08 10.49 -24.14
CA GLY C 17 8.60 11.68 -23.47
C GLY C 17 7.46 12.63 -23.15
N ALA C 18 7.78 13.76 -22.50
CA ALA C 18 6.76 14.76 -22.17
C ALA C 18 6.67 15.86 -23.23
N MET C 19 7.82 16.31 -23.73
CA MET C 19 7.92 17.47 -24.64
C MET C 19 8.41 17.03 -26.01
N SER C 20 8.06 17.80 -27.04
CA SER C 20 8.52 17.52 -28.41
C SER C 20 10.04 17.37 -28.49
N GLU C 21 10.76 18.20 -27.74
CA GLU C 21 12.23 18.19 -27.69
C GLU C 21 12.82 16.85 -27.23
N GLU C 22 12.06 16.09 -26.45
CA GLU C 22 12.51 14.80 -25.92
C GLU C 22 12.29 13.62 -26.87
N ILE C 23 11.45 13.81 -27.89
CA ILE C 23 11.06 12.76 -28.84
C ILE C 23 11.46 13.05 -30.29
N THR C 24 11.44 14.32 -30.71
CA THR C 24 11.78 14.68 -32.10
C THR C 24 13.16 14.16 -32.56
N PRO C 25 14.19 14.15 -31.67
CA PRO C 25 15.46 13.54 -32.07
C PRO C 25 15.37 12.06 -32.49
N LEU C 26 14.45 11.30 -31.90
CA LEU C 26 14.18 9.92 -32.33
C LEU C 26 13.49 9.86 -33.68
N LEU C 27 12.51 10.76 -33.91
CA LEU C 27 11.79 10.81 -35.18
C LEU C 27 12.72 11.18 -36.34
N GLU C 28 13.65 12.10 -36.09
CA GLU C 28 14.65 12.51 -37.08
C GLU C 28 15.64 11.37 -37.42
N THR C 29 15.96 10.54 -36.44
CA THR C 29 16.79 9.35 -36.65
C THR C 29 16.03 8.26 -37.42
N LEU C 30 14.77 8.04 -37.05
CA LEU C 30 13.95 6.98 -37.65
C LEU C 30 13.53 7.29 -39.08
N LYS C 31 13.25 8.57 -39.36
CA LYS C 31 12.97 9.06 -40.74
C LYS C 31 11.63 8.57 -41.33
N ASP C 32 11.50 7.26 -41.48
CA ASP C 32 10.25 6.65 -41.95
C ASP C 32 9.36 6.28 -40.78
N TYR C 33 8.27 7.03 -40.63
CA TYR C 33 7.25 6.74 -39.62
C TYR C 33 5.89 7.22 -40.09
N THR C 34 4.82 6.65 -39.54
CA THR C 34 3.46 7.09 -39.78
C THR C 34 2.87 7.68 -38.50
N LYS C 35 1.75 8.40 -38.64
CA LYS C 35 1.11 9.13 -37.55
C LYS C 35 -0.34 8.68 -37.36
N ILE C 36 -0.79 8.64 -36.11
CA ILE C 36 -2.21 8.53 -35.78
C ILE C 36 -2.57 9.61 -34.76
N GLU C 37 -3.64 10.34 -35.02
CA GLU C 37 -4.17 11.31 -34.08
C GLU C 37 -5.13 10.58 -33.14
N HIS C 38 -4.83 10.62 -31.84
CA HIS C 38 -5.70 10.01 -30.81
C HIS C 38 -5.48 10.69 -29.46
N ALA C 39 -6.54 10.78 -28.67
CA ALA C 39 -6.48 11.36 -27.32
C ALA C 39 -5.88 12.77 -27.29
N ASN C 40 -6.29 13.58 -28.28
CA ASN C 40 -5.83 14.95 -28.44
C ASN C 40 -4.29 15.05 -28.47
N ASN C 41 -3.69 14.15 -29.23
CA ASN C 41 -2.24 14.04 -29.34
C ASN C 41 -1.92 13.28 -30.63
N THR C 42 -0.64 13.20 -30.97
CA THR C 42 -0.19 12.41 -32.11
C THR C 42 0.71 11.29 -31.61
N TYR C 43 0.47 10.08 -32.11
CA TYR C 43 1.28 8.91 -31.82
C TYR C 43 1.98 8.49 -33.12
N TYR C 44 3.26 8.18 -33.00
CA TYR C 44 4.13 7.92 -34.15
C TYR C 44 4.52 6.44 -34.17
N PHE C 45 4.57 5.86 -35.37
CA PHE C 45 4.80 4.42 -35.53
C PHE C 45 5.91 4.17 -36.53
N ALA C 46 6.87 3.33 -36.14
CA ALA C 46 8.04 3.04 -36.97
C ALA C 46 8.57 1.64 -36.71
N LYS C 47 9.11 1.02 -37.77
CA LYS C 47 9.88 -0.22 -37.63
C LYS C 47 11.29 0.14 -37.21
N TYR C 48 11.89 -0.68 -36.36
CA TYR C 48 13.28 -0.51 -35.96
C TYR C 48 13.84 -1.87 -35.57
N LYS C 49 14.82 -2.36 -36.35
CA LYS C 49 15.26 -3.77 -36.29
C LYS C 49 14.04 -4.68 -36.50
N ASP C 50 13.86 -5.71 -35.68
CA ASP C 50 12.64 -6.55 -35.70
C ASP C 50 11.47 -5.93 -34.93
N HIS C 51 11.69 -4.80 -34.24
CA HIS C 51 10.68 -4.22 -33.36
C HIS C 51 9.72 -3.27 -34.09
N GLU C 52 8.56 -3.08 -33.47
CA GLU C 52 7.58 -2.09 -33.90
C GLU C 52 7.51 -1.03 -32.80
N LEU C 53 7.95 0.19 -33.11
CA LEU C 53 7.97 1.28 -32.12
C LEU C 53 6.69 2.10 -32.16
N VAL C 54 6.22 2.52 -30.99
CA VAL C 54 5.19 3.55 -30.89
C VAL C 54 5.79 4.68 -30.03
N LEU C 55 5.79 5.89 -30.58
CA LEU C 55 6.42 7.05 -29.93
C LEU C 55 5.42 8.17 -29.75
N ALA C 56 5.65 8.97 -28.72
CA ALA C 56 4.83 10.13 -28.46
C ALA C 56 5.49 11.01 -27.42
N TYR C 57 5.17 12.29 -27.47
CA TYR C 57 5.37 13.16 -26.33
C TYR C 57 3.99 13.44 -25.76
N SER C 58 3.85 13.26 -24.45
CA SER C 58 2.53 13.25 -23.81
C SER C 58 1.92 14.63 -23.58
N LYS C 59 2.76 15.67 -23.63
CA LYS C 59 2.54 16.97 -22.99
C LYS C 59 2.84 16.83 -21.49
N ILE C 60 3.09 17.96 -20.85
CA ILE C 60 3.73 17.99 -19.53
C ILE C 60 2.79 17.53 -18.42
N GLY C 61 3.35 16.84 -17.43
CA GLY C 61 2.67 16.59 -16.17
C GLY C 61 2.12 15.20 -15.99
N LYS C 62 1.59 14.98 -14.80
CA LYS C 62 1.20 13.64 -14.37
C LYS C 62 -0.02 13.13 -15.12
N VAL C 63 -1.05 13.97 -15.30
CA VAL C 63 -2.27 13.53 -15.98
C VAL C 63 -1.99 13.20 -17.45
N ASN C 64 -1.30 14.11 -18.15
CA ASN C 64 -0.98 13.90 -19.57
C ASN C 64 -0.16 12.63 -19.79
N SER C 65 0.87 12.44 -18.99
CA SER C 65 1.75 11.27 -19.10
C SER C 65 1.04 9.95 -18.76
N THR C 66 0.18 9.98 -17.74
CA THR C 66 -0.65 8.83 -17.35
C THR C 66 -1.52 8.40 -18.53
N LEU C 67 -2.18 9.37 -19.15
CA LEU C 67 -3.06 9.08 -20.29
C LEU C 67 -2.30 8.48 -21.46
N SER C 68 -1.15 9.07 -21.81
CA SER C 68 -0.33 8.54 -22.91
C SER C 68 0.17 7.12 -22.66
N ALA C 69 0.70 6.86 -21.47
CA ALA C 69 1.13 5.52 -21.12
C ALA C 69 -0.03 4.50 -21.23
N SER C 70 -1.19 4.89 -20.73
CA SER C 70 -2.40 4.06 -20.79
CA SER C 70 -2.40 4.06 -20.79
C SER C 70 -2.79 3.76 -22.24
N VAL C 71 -2.84 4.79 -23.06
CA VAL C 71 -3.17 4.66 -24.49
C VAL C 71 -2.16 3.79 -25.25
N MET C 72 -0.87 4.01 -25.01
CA MET C 72 0.18 3.27 -25.73
C MET C 72 0.14 1.77 -25.44
N ILE C 73 -0.23 1.41 -24.21
CA ILE C 73 -0.36 0.02 -23.79
C ILE C 73 -1.69 -0.57 -24.26
N GLU C 74 -2.79 0.08 -23.89
CA GLU C 74 -4.14 -0.47 -24.13
C GLU C 74 -4.54 -0.40 -25.61
N LYS C 75 -4.43 0.78 -26.21
CA LYS C 75 -4.82 0.96 -27.61
C LYS C 75 -3.76 0.45 -28.60
N PHE C 76 -2.49 0.77 -28.36
CA PHE C 76 -1.44 0.47 -29.34
C PHE C 76 -0.56 -0.74 -28.98
N GLY C 77 -0.94 -1.48 -27.94
CA GLY C 77 -0.37 -2.80 -27.66
C GLY C 77 1.07 -2.86 -27.19
N ALA C 78 1.58 -1.76 -26.63
CA ALA C 78 2.96 -1.73 -26.16
C ALA C 78 3.21 -2.84 -25.13
N GLN C 79 4.28 -3.58 -25.34
CA GLN C 79 4.71 -4.67 -24.45
C GLN C 79 5.84 -4.24 -23.53
N VAL C 80 6.51 -3.16 -23.88
CA VAL C 80 7.54 -2.53 -23.05
C VAL C 80 7.40 -1.02 -23.24
N LEU C 81 7.77 -0.24 -22.24
CA LEU C 81 7.74 1.23 -22.33
C LEU C 81 9.04 1.79 -21.79
N LEU C 82 9.71 2.57 -22.61
CA LEU C 82 10.92 3.28 -22.23
C LEU C 82 10.57 4.77 -22.19
N PHE C 83 10.81 5.42 -21.06
CA PHE C 83 10.62 6.86 -20.97
C PHE C 83 11.96 7.58 -21.13
N THR C 84 11.97 8.61 -21.95
CA THR C 84 13.16 9.44 -22.20
C THR C 84 12.82 10.92 -22.03
N GLY C 85 13.70 11.64 -21.34
CA GLY C 85 13.52 13.07 -21.21
C GLY C 85 14.56 13.70 -20.33
N VAL C 86 14.26 14.90 -19.84
CA VAL C 86 15.17 15.64 -18.99
C VAL C 86 14.64 15.76 -17.56
N ALA C 87 15.49 16.22 -16.64
CA ALA C 87 15.11 16.33 -15.23
C ALA C 87 15.95 17.36 -14.48
N GLY C 88 15.47 17.77 -13.30
CA GLY C 88 16.20 18.66 -12.40
C GLY C 88 17.00 17.86 -11.40
N ALA C 89 18.32 18.09 -11.34
CA ALA C 89 19.21 17.35 -10.45
C ALA C 89 19.07 17.77 -8.99
N PHE C 90 18.96 16.79 -8.09
CA PHE C 90 19.00 16.99 -6.65
C PHE C 90 20.33 16.52 -6.05
N ASN C 91 20.79 15.34 -6.46
CA ASN C 91 22.05 14.78 -5.99
C ASN C 91 23.20 15.71 -6.42
N PRO C 92 24.01 16.21 -5.46
CA PRO C 92 25.08 17.15 -5.84
C PRO C 92 26.16 16.60 -6.80
N GLU C 93 26.33 15.28 -6.85
CA GLU C 93 27.25 14.65 -7.79
C GLU C 93 26.76 14.64 -9.24
N LEU C 94 25.46 14.84 -9.48
CA LEU C 94 24.92 14.94 -10.84
C LEU C 94 25.23 16.31 -11.45
N GLU C 95 25.76 16.31 -12.67
CA GLU C 95 26.00 17.53 -13.44
C GLU C 95 25.03 17.59 -14.60
N ILE C 96 24.86 18.79 -15.14
CA ILE C 96 24.01 18.99 -16.30
C ILE C 96 24.49 18.09 -17.45
N GLY C 97 23.55 17.39 -18.08
CA GLY C 97 23.85 16.40 -19.11
C GLY C 97 23.96 14.96 -18.64
N ASP C 98 24.17 14.74 -17.34
CA ASP C 98 24.35 13.38 -16.81
C ASP C 98 23.06 12.56 -16.86
N LEU C 99 23.20 11.27 -17.17
CA LEU C 99 22.07 10.35 -17.25
C LEU C 99 21.78 9.68 -15.91
N LEU C 100 20.49 9.59 -15.58
CA LEU C 100 20.01 8.92 -14.39
C LEU C 100 18.84 8.04 -14.80
N TYR C 101 18.88 6.75 -14.46
CA TYR C 101 17.68 5.91 -14.56
C TYR C 101 17.09 5.72 -13.17
N ALA C 102 15.76 5.68 -13.10
CA ALA C 102 15.04 5.56 -11.84
C ALA C 102 14.89 4.09 -11.43
N THR C 103 15.38 3.75 -10.25
CA THR C 103 15.11 2.44 -9.66
C THR C 103 13.69 2.44 -9.08
N LYS C 104 13.31 3.54 -8.44
CA LYS C 104 11.94 3.74 -8.00
C LYS C 104 11.57 5.23 -7.97
N LEU C 105 10.26 5.50 -7.91
CA LEU C 105 9.75 6.86 -8.04
C LEU C 105 8.57 7.11 -7.10
N ALA C 106 8.45 8.35 -6.60
CA ALA C 106 7.33 8.76 -5.75
C ALA C 106 6.69 10.03 -6.31
N GLN C 107 5.44 10.28 -5.94
CA GLN C 107 4.76 11.54 -6.20
C GLN C 107 4.86 12.40 -4.94
N TYR C 108 5.76 13.38 -4.96
CA TYR C 108 5.99 14.25 -3.78
C TYR C 108 4.82 15.19 -3.46
N ASP C 109 3.92 15.41 -4.42
CA ASP C 109 2.80 16.35 -4.27
C ASP C 109 1.44 15.67 -4.05
N LEU C 110 1.44 14.37 -3.80
CA LEU C 110 0.22 13.61 -3.53
C LEU C 110 0.13 13.51 -2.02
N ASP C 111 -0.87 14.21 -1.45
CA ASP C 111 -0.81 14.62 -0.07
C ASP C 111 -2.18 14.50 0.63
N ILE C 112 -2.34 13.43 1.41
CA ILE C 112 -3.44 13.34 2.39
C ILE C 112 -2.84 13.18 3.80
N THR C 113 -1.75 13.91 4.04
CA THR C 113 -1.06 13.92 5.33
C THR C 113 -1.96 14.42 6.46
N ALA C 114 -2.98 15.23 6.16
CA ALA C 114 -3.98 15.65 7.17
C ALA C 114 -4.63 14.48 7.92
N PHE C 115 -4.72 13.31 7.27
CA PHE C 115 -5.25 12.09 7.89
C PHE C 115 -4.18 11.17 8.48
N GLY C 116 -2.96 11.67 8.65
CA GLY C 116 -1.87 10.90 9.30
C GLY C 116 -0.98 10.07 8.40
N HIS C 117 -1.31 9.99 7.10
CA HIS C 117 -0.55 9.18 6.17
C HIS C 117 0.77 9.86 5.80
N PRO C 118 1.77 9.07 5.38
CA PRO C 118 2.98 9.68 4.83
C PRO C 118 2.71 10.46 3.54
N LEU C 119 3.53 11.48 3.30
CA LEU C 119 3.49 12.21 2.01
C LEU C 119 3.76 11.24 0.87
N GLY C 120 2.93 11.32 -0.18
CA GLY C 120 3.06 10.42 -1.34
C GLY C 120 2.25 9.15 -1.28
N PHE C 121 1.64 8.86 -0.12
CA PHE C 121 0.85 7.66 0.06
C PHE C 121 -0.63 7.93 -0.11
N VAL C 122 -1.30 7.05 -0.85
CA VAL C 122 -2.76 6.92 -0.81
C VAL C 122 -3.15 5.44 -0.66
N PRO C 123 -4.31 5.16 -0.02
CA PRO C 123 -4.75 3.80 0.20
C PRO C 123 -4.81 2.95 -1.08
N GLY C 124 -4.36 1.71 -0.96
CA GLY C 124 -4.27 0.78 -2.07
C GLY C 124 -2.95 0.82 -2.83
N ASN C 125 -2.17 1.87 -2.63
CA ASN C 125 -0.91 2.07 -3.34
C ASN C 125 0.21 2.17 -2.31
N GLU C 126 1.45 2.27 -2.82
CA GLU C 126 2.62 2.50 -1.98
C GLU C 126 3.21 3.87 -2.27
N ILE C 127 4.20 4.27 -1.48
CA ILE C 127 4.89 5.53 -1.71
C ILE C 127 5.74 5.47 -2.97
N PHE C 128 6.48 4.37 -3.15
CA PHE C 128 7.34 4.21 -4.32
C PHE C 128 6.81 3.16 -5.30
N ILE C 129 6.95 3.46 -6.58
CA ILE C 129 6.72 2.52 -7.67
C ILE C 129 8.07 2.14 -8.26
N LYS C 130 8.29 0.84 -8.47
CA LYS C 130 9.54 0.33 -9.03
C LYS C 130 9.50 0.20 -10.54
N THR C 131 10.65 0.37 -11.16
CA THR C 131 10.85 0.09 -12.58
C THR C 131 11.29 -1.37 -12.76
N ASP C 132 11.36 -1.80 -14.01
CA ASP C 132 11.67 -3.20 -14.34
C ASP C 132 13.16 -3.51 -14.26
N GLU C 133 13.51 -4.52 -13.47
CA GLU C 133 14.92 -4.89 -13.22
C GLU C 133 15.66 -5.38 -14.47
N LYS C 134 15.00 -6.13 -15.34
CA LYS C 134 15.65 -6.60 -16.58
C LYS C 134 16.02 -5.44 -17.50
N LEU C 135 15.10 -4.48 -17.67
CA LEU C 135 15.39 -3.29 -18.48
C LEU C 135 16.50 -2.44 -17.87
N ASN C 136 16.50 -2.31 -16.54
CA ASN C 136 17.55 -1.55 -15.85
C ASN C 136 18.92 -2.19 -16.03
N ASN C 137 18.99 -3.51 -15.93
CA ASN C 137 20.24 -4.26 -16.18
C ASN C 137 20.70 -4.15 -17.62
N LEU C 138 19.77 -4.22 -18.57
CA LEU C 138 20.07 -3.97 -19.98
C LEU C 138 20.67 -2.58 -20.21
N ALA C 139 20.12 -1.57 -19.53
CA ALA C 139 20.68 -0.21 -19.60
C ALA C 139 22.12 -0.13 -19.07
N LEU C 140 22.40 -0.84 -17.98
CA LEU C 140 23.77 -0.91 -17.42
C LEU C 140 24.76 -1.55 -18.40
N GLU C 141 24.33 -2.60 -19.11
CA GLU C 141 25.15 -3.22 -20.16
C GLU C 141 25.44 -2.27 -21.30
N VAL C 142 24.41 -1.58 -21.79
CA VAL C 142 24.55 -0.61 -22.89
C VAL C 142 25.49 0.53 -22.48
N ALA C 143 25.36 1.02 -21.25
CA ALA C 143 26.24 2.06 -20.71
C ALA C 143 27.72 1.63 -20.70
N LYS C 144 27.96 0.37 -20.32
CA LYS C 144 29.32 -0.20 -20.33
C LYS C 144 29.89 -0.30 -21.74
N GLU C 145 29.09 -0.85 -22.66
CA GLU C 145 29.47 -0.99 -24.08
C GLU C 145 29.85 0.33 -24.75
N LEU C 146 29.04 1.37 -24.49
CA LEU C 146 29.25 2.68 -25.12
C LEU C 146 30.14 3.64 -24.31
N ASN C 147 30.67 3.17 -23.17
CA ASN C 147 31.49 3.99 -22.27
C ASN C 147 30.77 5.26 -21.82
N ILE C 148 29.49 5.09 -21.45
CA ILE C 148 28.65 6.19 -20.98
C ILE C 148 28.47 6.04 -19.48
N LYS C 149 28.61 7.16 -18.77
CA LYS C 149 28.39 7.20 -17.34
C LYS C 149 26.87 7.17 -17.10
N LEU C 150 26.40 6.22 -16.29
CA LEU C 150 24.98 6.05 -16.01
C LEU C 150 24.77 5.82 -14.52
N ARG C 151 23.97 6.67 -13.88
CA ARG C 151 23.69 6.57 -12.45
C ARG C 151 22.30 5.98 -12.20
N ALA C 152 22.18 5.15 -11.16
CA ALA C 152 20.89 4.64 -10.69
C ALA C 152 20.44 5.52 -9.53
N GLY C 153 19.13 5.76 -9.42
CA GLY C 153 18.63 6.64 -8.37
C GLY C 153 17.12 6.69 -8.20
N ILE C 154 16.69 7.50 -7.25
CA ILE C 154 15.28 7.71 -6.95
C ILE C 154 14.85 9.02 -7.61
N ILE C 155 13.70 9.01 -8.28
CA ILE C 155 13.12 10.23 -8.86
C ILE C 155 11.84 10.61 -8.13
N ALA C 156 11.74 11.87 -7.74
CA ALA C 156 10.52 12.43 -7.15
C ALA C 156 9.75 13.17 -8.25
N THR C 157 8.49 12.80 -8.46
CA THR C 157 7.63 13.35 -9.50
C THR C 157 6.54 14.22 -8.88
N GLY C 158 6.23 15.35 -9.53
CA GLY C 158 5.08 16.15 -9.13
C GLY C 158 4.76 17.13 -10.23
N ASP C 159 3.66 17.84 -10.09
CA ASP C 159 3.17 18.73 -11.15
C ASP C 159 3.65 20.19 -11.00
N GLU C 160 4.80 20.39 -10.36
CA GLU C 160 5.45 21.68 -10.25
C GLU C 160 6.85 21.65 -10.88
N PHE C 161 7.22 22.70 -11.61
CA PHE C 161 8.62 22.91 -11.98
C PHE C 161 9.37 23.43 -10.77
N ILE C 162 10.33 22.65 -10.26
CA ILE C 162 11.04 22.99 -9.04
C ILE C 162 12.22 23.92 -9.35
N CYS C 163 12.19 25.14 -8.79
CA CYS C 163 13.23 26.13 -9.00
C CYS C 163 13.39 26.98 -7.74
N ASP C 164 13.63 26.27 -6.64
CA ASP C 164 13.61 26.85 -5.30
C ASP C 164 14.46 25.92 -4.41
N GLU C 165 15.48 26.48 -3.76
CA GLU C 165 16.41 25.68 -2.96
C GLU C 165 15.76 24.98 -1.78
N ALA C 166 14.82 25.66 -1.12
CA ALA C 166 14.11 25.09 0.03
C ALA C 166 13.24 23.90 -0.37
N LYS C 167 12.46 24.07 -1.43
CA LYS C 167 11.60 22.98 -1.98
C LYS C 167 12.45 21.79 -2.42
N LYS C 168 13.49 22.06 -3.20
CA LYS C 168 14.48 21.07 -3.61
C LYS C 168 15.01 20.26 -2.41
N ALA C 169 15.45 20.95 -1.36
CA ALA C 169 16.02 20.31 -0.18
C ALA C 169 15.00 19.45 0.55
N LYS C 170 13.79 19.97 0.71
CA LYS C 170 12.70 19.28 1.41
C LYS C 170 12.30 17.98 0.69
N ILE C 171 12.16 18.04 -0.63
CA ILE C 171 11.77 16.85 -1.42
C ILE C 171 12.92 15.83 -1.41
N ARG C 172 14.15 16.31 -1.57
CA ARG C 172 15.33 15.43 -1.51
C ARG C 172 15.39 14.67 -0.18
N GLU C 173 15.20 15.38 0.92
CA GLU C 173 15.24 14.79 2.27
C GLU C 173 14.14 13.74 2.49
N ILE C 174 12.90 14.09 2.15
CA ILE C 174 11.76 13.20 2.42
C ILE C 174 11.84 11.89 1.65
N PHE C 175 12.18 11.96 0.37
CA PHE C 175 12.17 10.77 -0.52
C PHE C 175 13.54 10.21 -0.87
N ASN C 176 14.61 10.81 -0.35
CA ASN C 176 15.99 10.46 -0.75
C ASN C 176 16.13 10.53 -2.28
N ALA C 177 15.57 11.59 -2.86
CA ALA C 177 15.45 11.72 -4.31
C ALA C 177 16.71 12.31 -4.93
N ASP C 178 17.14 11.72 -6.05
CA ASP C 178 18.32 12.18 -6.79
C ASP C 178 17.99 13.21 -7.87
N ALA C 179 16.71 13.26 -8.28
CA ALA C 179 16.26 14.25 -9.26
C ALA C 179 14.74 14.41 -9.20
N CYS C 180 14.24 15.45 -9.85
CA CYS C 180 12.80 15.69 -9.94
C CYS C 180 12.36 15.91 -11.38
N GLU C 181 11.09 15.61 -11.64
CA GLU C 181 10.47 15.82 -12.93
C GLU C 181 8.94 15.70 -12.76
N MET C 182 8.18 15.66 -13.84
CA MET C 182 6.73 15.80 -13.76
C MET C 182 5.93 14.65 -14.39
N GLU C 183 6.61 13.55 -14.74
CA GLU C 183 5.97 12.43 -15.44
C GLU C 183 6.37 11.01 -15.01
N GLY C 184 7.47 10.84 -14.29
CA GLY C 184 8.08 9.51 -14.12
C GLY C 184 7.23 8.55 -13.31
N ALA C 185 6.84 9.00 -12.11
CA ALA C 185 6.08 8.15 -11.18
C ALA C 185 4.74 7.75 -11.77
N SER C 186 4.09 8.69 -12.46
CA SER C 186 2.80 8.44 -13.09
C SER C 186 2.93 7.40 -14.21
N VAL C 187 3.96 7.51 -15.05
CA VAL C 187 4.18 6.56 -16.14
C VAL C 187 4.50 5.18 -15.57
N ALA C 188 5.41 5.12 -14.61
CA ALA C 188 5.81 3.85 -13.98
C ALA C 188 4.65 3.15 -13.27
N LEU C 189 3.76 3.93 -12.65
CA LEU C 189 2.54 3.41 -12.03
C LEU C 189 1.62 2.75 -13.06
N VAL C 190 1.36 3.44 -14.17
CA VAL C 190 0.50 2.90 -15.23
C VAL C 190 1.05 1.59 -15.77
N CYS C 191 2.36 1.57 -16.05
CA CYS C 191 3.02 0.39 -16.60
C CYS C 191 2.92 -0.80 -15.63
N ASP C 192 3.23 -0.56 -14.36
CA ASP C 192 3.07 -1.59 -13.31
C ASP C 192 1.63 -2.09 -13.24
N ALA C 193 0.67 -1.17 -13.24
CA ALA C 193 -0.75 -1.53 -13.17
C ALA C 193 -1.18 -2.41 -14.35
N LEU C 194 -0.66 -2.11 -15.54
CA LEU C 194 -0.99 -2.86 -16.77
C LEU C 194 -0.01 -4.00 -17.10
N LYS C 195 0.90 -4.32 -16.16
CA LYS C 195 1.85 -5.44 -16.28
C LYS C 195 2.79 -5.31 -17.49
N VAL C 196 3.26 -4.09 -17.72
CA VAL C 196 4.21 -3.78 -18.78
C VAL C 196 5.52 -3.34 -18.12
N PRO C 197 6.66 -3.98 -18.47
CA PRO C 197 7.99 -3.53 -18.02
C PRO C 197 8.26 -2.08 -18.39
N CYS C 198 8.72 -1.29 -17.41
CA CYS C 198 8.95 0.14 -17.56
C CYS C 198 10.40 0.53 -17.25
N PHE C 199 10.97 1.39 -18.07
CA PHE C 199 12.28 2.00 -17.86
C PHE C 199 12.13 3.51 -17.91
N ILE C 200 12.67 4.22 -16.91
CA ILE C 200 12.59 5.68 -16.85
C ILE C 200 14.00 6.27 -16.87
N LEU C 201 14.34 6.96 -17.95
CA LEU C 201 15.67 7.59 -18.12
C LEU C 201 15.53 9.10 -18.22
N ARG C 202 16.37 9.81 -17.47
CA ARG C 202 16.40 11.27 -17.50
C ARG C 202 17.85 11.77 -17.62
N ALA C 203 18.06 12.74 -18.51
CA ALA C 203 19.30 13.53 -18.56
C ALA C 203 19.07 14.87 -17.87
N MET C 204 20.00 15.27 -17.01
CA MET C 204 19.82 16.49 -16.23
C MET C 204 19.88 17.75 -17.13
N SER C 205 18.89 18.61 -16.99
CA SER C 205 18.83 19.91 -17.69
C SER C 205 19.11 21.12 -16.79
N ASP C 206 19.03 20.92 -15.48
CA ASP C 206 19.20 22.00 -14.50
C ASP C 206 19.39 21.38 -13.12
N LYS C 207 19.60 22.22 -12.11
CA LYS C 207 19.80 21.76 -10.73
C LYS C 207 18.65 22.17 -9.79
N ALA C 208 17.51 22.53 -10.36
CA ALA C 208 16.25 22.73 -9.62
C ALA C 208 16.29 23.81 -8.53
N GLY C 209 17.23 24.75 -8.63
CA GLY C 209 17.39 25.81 -7.64
C GLY C 209 17.01 27.15 -8.24
N GLU C 210 17.60 28.22 -7.71
CA GLU C 210 17.42 29.55 -8.31
C GLU C 210 18.02 29.51 -9.70
N LYS C 211 17.33 30.11 -10.65
CA LYS C 211 17.76 30.12 -12.05
C LYS C 211 17.63 28.80 -12.80
N ALA C 212 16.96 27.81 -12.21
CA ALA C 212 16.70 26.52 -12.89
C ALA C 212 15.95 26.68 -14.21
N GLU C 213 15.02 27.63 -14.27
CA GLU C 213 14.29 27.93 -15.51
C GLU C 213 15.22 28.40 -16.65
N PHE C 214 16.26 29.15 -16.29
CA PHE C 214 17.25 29.64 -17.27
C PHE C 214 18.19 28.54 -17.73
N ASP C 215 18.66 27.71 -16.80
CA ASP C 215 19.46 26.52 -17.17
C ASP C 215 18.66 25.56 -18.02
N PHE C 216 17.39 25.34 -17.68
CA PHE C 216 16.53 24.48 -18.48
C PHE C 216 16.46 24.94 -19.94
N ASP C 217 16.14 26.21 -20.14
CA ASP C 217 16.07 26.80 -21.49
C ASP C 217 17.36 26.60 -22.28
N GLU C 218 18.50 26.79 -21.62
CA GLU C 218 19.81 26.64 -22.27
C GLU C 218 20.14 25.19 -22.62
N PHE C 219 19.84 24.26 -21.73
CA PHE C 219 20.34 22.88 -21.85
C PHE C 219 19.31 21.81 -22.26
N VAL C 220 18.02 22.16 -22.31
CA VAL C 220 16.99 21.15 -22.59
C VAL C 220 17.21 20.40 -23.91
N ILE C 221 17.50 21.13 -24.99
CA ILE C 221 17.61 20.50 -26.31
C ILE C 221 18.72 19.45 -26.33
N ASN C 222 19.89 19.80 -25.77
CA ASN C 222 21.04 18.89 -25.78
C ASN C 222 20.85 17.70 -24.83
N SER C 223 20.43 17.97 -23.60
CA SER C 223 20.17 16.91 -22.63
C SER C 223 19.11 15.92 -23.14
N ALA C 224 18.06 16.44 -23.78
CA ALA C 224 17.02 15.59 -24.37
C ALA C 224 17.58 14.62 -25.42
N LYS C 225 18.53 15.08 -26.23
CA LYS C 225 19.17 14.22 -27.22
C LYS C 225 20.01 13.11 -26.59
N ILE C 226 20.69 13.43 -25.49
CA ILE C 226 21.52 12.45 -24.78
C ILE C 226 20.67 11.28 -24.27
N SER C 227 19.53 11.60 -23.66
CA SER C 227 18.59 10.59 -23.19
C SER C 227 17.99 9.79 -24.36
N ALA C 228 17.55 10.50 -25.39
CA ALA C 228 16.92 9.89 -26.56
C ALA C 228 17.84 8.91 -27.30
N ASN C 229 19.10 9.32 -27.49
CA ASN C 229 20.09 8.44 -28.10
C ASN C 229 20.22 7.13 -27.32
N PHE C 230 20.28 7.26 -26.00
CA PHE C 230 20.48 6.10 -25.13
C PHE C 230 19.35 5.06 -25.22
N VAL C 231 18.10 5.51 -25.15
CA VAL C 231 16.97 4.57 -25.24
C VAL C 231 16.89 3.87 -26.61
N LEU C 232 17.28 4.56 -27.68
CA LEU C 232 17.34 3.94 -29.00
C LEU C 232 18.42 2.85 -29.06
N LYS C 233 19.55 3.08 -28.39
CA LYS C 233 20.59 2.06 -28.24
C LYS C 233 20.09 0.83 -27.46
N MET C 234 19.21 1.04 -26.49
CA MET C 234 18.56 -0.07 -25.78
C MET C 234 17.61 -0.87 -26.67
N CYS C 235 16.92 -0.20 -27.58
CA CYS C 235 16.06 -0.90 -28.55
C CYS C 235 16.86 -1.84 -29.48
N GLU C 236 18.13 -1.50 -29.76
CA GLU C 236 19.02 -2.38 -30.51
C GLU C 236 19.28 -3.70 -29.78
N LYS C 237 19.52 -3.62 -28.47
CA LYS C 237 19.80 -4.82 -27.64
C LYS C 237 18.56 -5.62 -27.26
N LEU C 238 17.37 -5.01 -27.31
CA LEU C 238 16.12 -5.71 -26.98
C LEU C 238 15.72 -6.69 -28.07
N GLY D 10 18.39 -33.26 -3.02
CA GLY D 10 18.08 -31.84 -2.71
C GLY D 10 16.81 -31.63 -1.90
N MET D 11 16.49 -30.37 -1.60
CA MET D 11 15.33 -30.02 -0.79
C MET D 11 14.84 -28.60 -1.07
N LYS D 12 13.63 -28.31 -0.61
CA LYS D 12 13.03 -27.00 -0.78
C LYS D 12 13.48 -26.09 0.36
N ILE D 13 14.24 -25.04 0.03
CA ILE D 13 14.80 -24.14 1.04
C ILE D 13 14.18 -22.76 0.90
N ALA D 14 13.62 -22.25 2.00
CA ALA D 14 13.12 -20.89 2.05
C ALA D 14 14.26 -19.97 2.48
N ILE D 15 14.46 -18.87 1.76
CA ILE D 15 15.36 -17.80 2.20
C ILE D 15 14.53 -16.54 2.36
N LEU D 16 14.47 -16.02 3.59
CA LEU D 16 13.56 -14.94 3.93
C LEU D 16 14.33 -13.77 4.52
N GLY D 17 14.01 -12.56 4.08
CA GLY D 17 14.44 -11.32 4.71
C GLY D 17 13.23 -10.41 4.93
N ALA D 18 13.47 -9.24 5.53
CA ALA D 18 12.39 -8.27 5.77
C ALA D 18 12.28 -7.22 4.65
N MET D 19 13.44 -6.74 4.19
CA MET D 19 13.54 -5.62 3.25
C MET D 19 14.12 -6.08 1.92
N SER D 20 13.77 -5.39 0.84
CA SER D 20 14.31 -5.70 -0.50
C SER D 20 15.84 -5.77 -0.51
N GLU D 21 16.48 -4.88 0.25
CA GLU D 21 17.95 -4.82 0.36
C GLU D 21 18.58 -6.12 0.91
N GLU D 22 17.82 -6.87 1.69
CA GLU D 22 18.30 -8.11 2.29
C GLU D 22 18.18 -9.34 1.39
N ILE D 23 17.38 -9.24 0.33
CA ILE D 23 17.10 -10.35 -0.58
C ILE D 23 17.54 -10.10 -2.03
N THR D 24 17.48 -8.86 -2.51
CA THR D 24 17.86 -8.56 -3.90
C THR D 24 19.29 -9.01 -4.27
N PRO D 25 20.26 -8.91 -3.34
CA PRO D 25 21.59 -9.47 -3.63
C PRO D 25 21.61 -10.96 -3.99
N LEU D 26 20.70 -11.75 -3.41
CA LEU D 26 20.54 -13.16 -3.78
C LEU D 26 19.92 -13.32 -5.17
N LEU D 27 18.91 -12.50 -5.48
CA LEU D 27 18.26 -12.55 -6.79
C LEU D 27 19.23 -12.17 -7.93
N GLU D 28 20.09 -11.19 -7.67
CA GLU D 28 21.12 -10.77 -8.63
C GLU D 28 22.19 -11.85 -8.85
N THR D 29 22.51 -12.62 -7.81
CA THR D 29 23.42 -13.76 -7.91
C THR D 29 22.77 -14.94 -8.65
N LEU D 30 21.50 -15.22 -8.35
CA LEU D 30 20.79 -16.35 -8.95
C LEU D 30 20.43 -16.13 -10.41
N LYS D 31 20.10 -14.89 -10.78
CA LYS D 31 19.86 -14.47 -12.18
C LYS D 31 18.59 -15.05 -12.79
N ASP D 32 18.54 -16.38 -12.89
CA ASP D 32 17.36 -17.09 -13.41
C ASP D 32 16.42 -17.44 -12.26
N TYR D 33 15.28 -16.76 -12.20
CA TYR D 33 14.24 -17.06 -11.23
C TYR D 33 12.87 -16.67 -11.79
N THR D 34 11.82 -17.31 -11.26
CA THR D 34 10.44 -16.96 -11.59
C THR D 34 9.76 -16.34 -10.37
N LYS D 35 8.61 -15.70 -10.61
CA LYS D 35 7.86 -14.96 -9.58
C LYS D 35 6.44 -15.48 -9.45
N ILE D 36 5.92 -15.48 -8.21
CA ILE D 36 4.50 -15.67 -7.96
C ILE D 36 4.02 -14.57 -7.01
N GLU D 37 2.92 -13.92 -7.38
CA GLU D 37 2.27 -12.94 -6.50
C GLU D 37 1.33 -13.70 -5.57
N HIS D 38 1.55 -13.57 -4.26
CA HIS D 38 0.68 -14.18 -3.24
C HIS D 38 0.82 -13.44 -1.91
N ALA D 39 -0.29 -13.39 -1.15
CA ALA D 39 -0.28 -12.78 0.18
C ALA D 39 0.21 -11.33 0.16
N ASN D 40 -0.23 -10.59 -0.86
CA ASN D 40 0.12 -9.19 -1.07
C ASN D 40 1.64 -8.97 -1.07
N ASN D 41 2.35 -9.85 -1.77
CA ASN D 41 3.80 -9.86 -1.82
C ASN D 41 4.23 -10.65 -3.05
N THR D 42 5.52 -10.67 -3.34
CA THR D 42 6.07 -11.51 -4.40
C THR D 42 7.01 -12.55 -3.79
N TYR D 43 6.86 -13.79 -4.25
CA TYR D 43 7.74 -14.88 -3.86
C TYR D 43 8.53 -15.33 -5.09
N TYR D 44 9.82 -15.56 -4.90
CA TYR D 44 10.77 -15.82 -5.98
C TYR D 44 11.24 -17.26 -5.91
N PHE D 45 11.41 -17.90 -7.07
CA PHE D 45 11.72 -19.33 -7.15
C PHE D 45 12.91 -19.57 -8.08
N ALA D 46 13.90 -20.33 -7.60
CA ALA D 46 15.12 -20.59 -8.35
C ALA D 46 15.74 -21.93 -7.99
N LYS D 47 16.38 -22.56 -8.97
CA LYS D 47 17.23 -23.74 -8.73
C LYS D 47 18.57 -23.25 -8.22
N TYR D 48 19.17 -24.01 -7.31
CA TYR D 48 20.53 -23.74 -6.84
C TYR D 48 21.15 -25.04 -6.35
N LYS D 49 22.19 -25.51 -7.06
CA LYS D 49 22.72 -26.87 -6.90
C LYS D 49 21.57 -27.87 -7.13
N ASP D 50 21.41 -28.88 -6.25
CA ASP D 50 20.25 -29.79 -6.31
C ASP D 50 18.99 -29.21 -5.66
N HIS D 51 19.09 -28.05 -5.02
CA HIS D 51 17.99 -27.49 -4.22
C HIS D 51 17.04 -26.63 -5.03
N GLU D 52 15.83 -26.47 -4.51
CA GLU D 52 14.81 -25.60 -5.06
C GLU D 52 14.59 -24.49 -4.02
N LEU D 53 14.96 -23.26 -4.36
CA LEU D 53 14.88 -22.13 -3.43
C LEU D 53 13.56 -21.38 -3.58
N VAL D 54 12.99 -20.93 -2.46
CA VAL D 54 11.90 -19.96 -2.45
C VAL D 54 12.38 -18.76 -1.64
N LEU D 55 12.34 -17.57 -2.24
CA LEU D 55 12.87 -16.35 -1.61
C LEU D 55 11.81 -15.28 -1.54
N ALA D 56 11.94 -14.41 -0.53
CA ALA D 56 11.02 -13.29 -0.39
C ALA D 56 11.56 -12.32 0.65
N TYR D 57 11.16 -11.06 0.52
CA TYR D 57 11.28 -10.13 1.64
C TYR D 57 9.85 -9.88 2.12
N SER D 58 9.66 -10.00 3.42
CA SER D 58 8.30 -10.04 4.00
C SER D 58 7.63 -8.68 4.14
N LYS D 59 8.42 -7.61 4.08
CA LYS D 59 8.11 -6.30 4.67
C LYS D 59 8.35 -6.36 6.18
N ILE D 60 8.53 -5.19 6.79
CA ILE D 60 9.08 -5.09 8.14
C ILE D 60 8.11 -5.53 9.22
N GLY D 61 8.65 -6.17 10.27
CA GLY D 61 7.93 -6.39 11.51
C GLY D 61 7.44 -7.81 11.73
N LYS D 62 6.86 -8.00 12.90
CA LYS D 62 6.51 -9.33 13.36
C LYS D 62 5.35 -9.94 12.56
N VAL D 63 4.31 -9.17 12.30
CA VAL D 63 3.14 -9.69 11.59
C VAL D 63 3.51 -10.07 10.14
N ASN D 64 4.18 -9.16 9.44
CA ASN D 64 4.57 -9.41 8.05
C ASN D 64 5.46 -10.64 7.92
N SER D 65 6.47 -10.74 8.78
CA SER D 65 7.41 -11.87 8.75
C SER D 65 6.74 -13.21 9.11
N THR D 66 5.83 -13.17 10.09
CA THR D 66 5.04 -14.36 10.49
C THR D 66 4.26 -14.89 9.28
N LEU D 67 3.58 -13.98 8.58
CA LEU D 67 2.78 -14.36 7.43
C LEU D 67 3.63 -14.99 6.31
N SER D 68 4.76 -14.36 5.99
CA SER D 68 5.67 -14.88 4.96
C SER D 68 6.24 -16.25 5.30
N ALA D 69 6.70 -16.43 6.53
CA ALA D 69 7.20 -17.73 6.97
C ALA D 69 6.13 -18.81 6.84
N SER D 70 4.90 -18.47 7.26
CA SER D 70 3.75 -19.37 7.17
C SER D 70 3.47 -19.78 5.72
N VAL D 71 3.40 -18.79 4.84
CA VAL D 71 3.16 -19.01 3.42
C VAL D 71 4.26 -19.86 2.76
N MET D 72 5.53 -19.55 3.06
CA MET D 72 6.64 -20.25 2.43
C MET D 72 6.67 -21.76 2.80
N ILE D 73 6.25 -22.08 4.02
CA ILE D 73 6.19 -23.46 4.49
C ILE D 73 4.91 -24.14 3.99
N GLU D 74 3.75 -23.54 4.28
CA GLU D 74 2.46 -24.17 3.99
C GLU D 74 2.15 -24.20 2.49
N LYS D 75 2.24 -23.05 1.83
CA LYS D 75 1.92 -22.98 0.40
C LYS D 75 3.05 -23.47 -0.49
N PHE D 76 4.28 -23.06 -0.21
CA PHE D 76 5.40 -23.35 -1.12
C PHE D 76 6.34 -24.47 -0.64
N GLY D 77 5.94 -25.18 0.41
CA GLY D 77 6.56 -26.46 0.77
C GLY D 77 7.96 -26.41 1.33
N ALA D 78 8.39 -25.26 1.87
CA ALA D 78 9.73 -25.14 2.41
C ALA D 78 9.97 -26.18 3.50
N GLN D 79 11.09 -26.88 3.38
CA GLN D 79 11.52 -27.90 4.35
C GLN D 79 12.58 -27.37 5.30
N VAL D 80 13.21 -26.26 4.93
CA VAL D 80 14.15 -25.54 5.79
C VAL D 80 13.92 -24.04 5.50
N LEU D 81 14.17 -23.20 6.50
CA LEU D 81 14.05 -21.75 6.32
C LEU D 81 15.30 -21.08 6.91
N LEU D 82 15.98 -20.30 6.08
CA LEU D 82 17.12 -19.52 6.50
C LEU D 82 16.68 -18.06 6.44
N PHE D 83 16.83 -17.34 7.55
CA PHE D 83 16.56 -15.90 7.55
C PHE D 83 17.87 -15.13 7.43
N THR D 84 17.87 -14.13 6.56
CA THR D 84 19.03 -13.27 6.33
C THR D 84 18.62 -11.81 6.41
N GLY D 85 19.43 -11.01 7.10
CA GLY D 85 19.18 -9.58 7.14
C GLY D 85 20.15 -8.87 8.05
N VAL D 86 19.76 -7.68 8.46
CA VAL D 86 20.59 -6.85 9.32
C VAL D 86 19.99 -6.68 10.71
N ALA D 87 20.76 -6.15 11.65
CA ALA D 87 20.31 -6.00 13.04
C ALA D 87 21.07 -4.91 13.80
N GLY D 88 20.51 -4.48 14.92
CA GLY D 88 21.16 -3.52 15.82
C GLY D 88 21.94 -4.24 16.90
N ALA D 89 23.23 -3.94 17.01
CA ALA D 89 24.12 -4.60 17.98
C ALA D 89 23.89 -4.12 19.40
N PHE D 90 23.77 -5.07 20.33
CA PHE D 90 23.74 -4.81 21.79
C PHE D 90 25.06 -5.19 22.46
N ASN D 91 25.59 -6.36 22.11
CA ASN D 91 26.86 -6.84 22.67
C ASN D 91 27.97 -5.87 22.25
N PRO D 92 28.73 -5.29 23.22
CA PRO D 92 29.76 -4.30 22.86
C PRO D 92 30.90 -4.82 21.98
N GLU D 93 31.14 -6.14 22.00
CA GLU D 93 32.14 -6.77 21.13
C GLU D 93 31.72 -6.86 19.66
N LEU D 94 30.43 -6.75 19.36
CA LEU D 94 29.95 -6.72 17.95
C LEU D 94 30.23 -5.37 17.30
N GLU D 95 30.81 -5.40 16.12
CA GLU D 95 31.04 -4.21 15.30
C GLU D 95 30.12 -4.25 14.08
N ILE D 96 29.94 -3.09 13.48
CA ILE D 96 29.14 -2.97 12.27
C ILE D 96 29.72 -3.90 11.19
N GLY D 97 28.84 -4.66 10.55
CA GLY D 97 29.23 -5.69 9.58
C GLY D 97 29.38 -7.09 10.13
N ASP D 98 29.55 -7.25 11.44
CA ASP D 98 29.75 -8.57 12.05
C ASP D 98 28.50 -9.45 11.99
N LEU D 99 28.71 -10.74 11.75
CA LEU D 99 27.62 -11.71 11.67
C LEU D 99 27.29 -12.32 13.03
N LEU D 100 25.99 -12.46 13.29
CA LEU D 100 25.48 -13.08 14.50
C LEU D 100 24.38 -14.04 14.07
N TYR D 101 24.47 -15.32 14.49
CA TYR D 101 23.33 -16.23 14.36
C TYR D 101 22.67 -16.38 15.73
N ALA D 102 21.34 -16.51 15.72
CA ALA D 102 20.57 -16.60 16.95
C ALA D 102 20.47 -18.05 17.42
N THR D 103 20.91 -18.31 18.64
CA THR D 103 20.67 -19.62 19.28
C THR D 103 19.23 -19.67 19.77
N LYS D 104 18.76 -18.56 20.34
CA LYS D 104 17.34 -18.41 20.67
C LYS D 104 16.92 -16.95 20.64
N LEU D 105 15.60 -16.73 20.61
CA LEU D 105 15.04 -15.40 20.41
C LEU D 105 13.80 -15.18 21.28
N ALA D 106 13.60 -13.94 21.71
CA ALA D 106 12.41 -13.54 22.49
C ALA D 106 11.76 -12.33 21.82
N GLN D 107 10.47 -12.14 22.12
CA GLN D 107 9.76 -10.92 21.78
C GLN D 107 9.76 -10.01 23.02
N TYR D 108 10.61 -8.99 23.00
CA TYR D 108 10.74 -8.06 24.14
C TYR D 108 9.51 -7.18 24.38
N ASP D 109 8.66 -7.03 23.36
CA ASP D 109 7.50 -6.14 23.42
C ASP D 109 6.16 -6.88 23.58
N LEU D 110 6.20 -8.18 23.91
CA LEU D 110 5.01 -8.98 24.17
C LEU D 110 4.85 -9.00 25.67
N ASP D 111 3.81 -8.32 26.15
CA ASP D 111 3.74 -7.86 27.52
C ASP D 111 2.34 -8.01 28.12
N ILE D 112 2.16 -9.07 28.90
CA ILE D 112 1.02 -9.21 29.80
C ILE D 112 1.52 -9.32 31.23
N THR D 113 2.55 -8.53 31.55
CA THR D 113 3.15 -8.49 32.88
C THR D 113 2.16 -8.02 33.95
N ALA D 114 1.11 -7.27 33.57
CA ALA D 114 0.05 -6.90 34.52
C ALA D 114 -0.60 -8.09 35.23
N PHE D 115 -0.59 -9.26 34.59
CA PHE D 115 -1.09 -10.51 35.17
C PHE D 115 -0.02 -11.37 35.84
N GLY D 116 1.17 -10.82 36.10
CA GLY D 116 2.24 -11.50 36.81
C GLY D 116 3.23 -12.30 36.00
N HIS D 117 3.00 -12.40 34.68
CA HIS D 117 3.88 -13.18 33.81
C HIS D 117 5.17 -12.43 33.55
N PRO D 118 6.27 -13.15 33.24
CA PRO D 118 7.49 -12.48 32.79
C PRO D 118 7.27 -11.76 31.44
N LEU D 119 8.02 -10.69 31.22
CA LEU D 119 8.04 -10.01 29.92
C LEU D 119 8.43 -11.00 28.82
N GLY D 120 7.66 -11.00 27.72
CA GLY D 120 7.89 -11.92 26.61
C GLY D 120 7.14 -13.24 26.66
N PHE D 121 6.50 -13.53 27.79
CA PHE D 121 5.80 -14.79 27.98
C PHE D 121 4.30 -14.62 27.77
N VAL D 122 3.71 -15.56 27.02
CA VAL D 122 2.27 -15.77 27.05
C VAL D 122 1.95 -17.25 27.22
N PRO D 123 0.80 -17.56 27.86
CA PRO D 123 0.42 -18.97 28.09
C PRO D 123 0.40 -19.81 26.81
N GLY D 124 0.91 -21.03 26.94
CA GLY D 124 1.03 -21.95 25.80
C GLY D 124 2.36 -21.87 25.07
N ASN D 125 3.10 -20.78 25.30
CA ASN D 125 4.39 -20.55 24.65
C ASN D 125 5.46 -20.40 25.71
N GLU D 126 6.71 -20.19 25.29
CA GLU D 126 7.82 -19.91 26.21
C GLU D 126 8.35 -18.51 25.94
N ILE D 127 9.30 -18.05 26.76
CA ILE D 127 9.92 -16.75 26.55
C ILE D 127 10.85 -16.80 25.32
N PHE D 128 11.65 -17.86 25.22
CA PHE D 128 12.57 -18.04 24.11
C PHE D 128 12.13 -19.13 23.14
N ILE D 129 12.31 -18.86 21.86
CA ILE D 129 12.16 -19.86 20.80
C ILE D 129 13.57 -20.19 20.29
N LYS D 130 13.86 -21.48 20.17
CA LYS D 130 15.17 -21.95 19.72
C LYS D 130 15.20 -22.16 18.21
N THR D 131 16.38 -21.95 17.64
CA THR D 131 16.67 -22.28 16.27
C THR D 131 17.19 -23.72 16.19
N ASP D 132 17.37 -24.21 14.97
CA ASP D 132 17.76 -25.61 14.74
C ASP D 132 19.27 -25.82 14.94
N GLU D 133 19.61 -26.79 15.80
CA GLU D 133 21.01 -27.06 16.16
C GLU D 133 21.87 -27.57 14.99
N LYS D 134 21.29 -28.40 14.11
CA LYS D 134 22.05 -28.89 12.95
C LYS D 134 22.41 -27.76 11.99
N LEU D 135 21.47 -26.86 11.72
CA LEU D 135 21.73 -25.70 10.86
C LEU D 135 22.77 -24.76 11.49
N ASN D 136 22.68 -24.57 12.81
CA ASN D 136 23.64 -23.72 13.53
C ASN D 136 25.06 -24.28 13.45
N ASN D 137 25.19 -25.60 13.62
CA ASN D 137 26.48 -26.28 13.49
C ASN D 137 27.03 -26.22 12.05
N LEU D 138 26.14 -26.39 11.07
CA LEU D 138 26.50 -26.20 9.67
C LEU D 138 27.05 -24.80 9.39
N ALA D 139 26.42 -23.78 9.98
CA ALA D 139 26.89 -22.39 9.87
C ALA D 139 28.29 -22.21 10.45
N LEU D 140 28.56 -22.84 11.60
CA LEU D 140 29.90 -22.81 12.21
C LEU D 140 30.98 -23.44 11.32
N GLU D 141 30.63 -24.55 10.64
CA GLU D 141 31.54 -25.17 9.66
C GLU D 141 31.83 -24.26 8.47
N VAL D 142 30.78 -23.65 7.91
CA VAL D 142 30.92 -22.73 6.77
C VAL D 142 31.78 -21.52 7.15
N ALA D 143 31.56 -20.98 8.35
CA ALA D 143 32.36 -19.86 8.87
C ALA D 143 33.85 -20.20 8.97
N LYS D 144 34.15 -21.42 9.43
CA LYS D 144 35.54 -21.92 9.50
C LYS D 144 36.17 -22.05 8.11
N GLU D 145 35.45 -22.69 7.19
CA GLU D 145 35.90 -22.87 5.79
C GLU D 145 36.22 -21.56 5.07
N LEU D 146 35.34 -20.56 5.24
CA LEU D 146 35.51 -19.27 4.56
C LEU D 146 36.30 -18.23 5.36
N ASN D 147 36.82 -18.62 6.53
CA ASN D 147 37.57 -17.71 7.42
C ASN D 147 36.75 -16.47 7.80
N ILE D 148 35.48 -16.68 8.13
CA ILE D 148 34.57 -15.62 8.51
C ILE D 148 34.33 -15.72 10.01
N LYS D 149 34.38 -14.57 10.68
CA LYS D 149 34.10 -14.48 12.11
C LYS D 149 32.57 -14.57 12.28
N LEU D 150 32.11 -15.52 13.09
CA LEU D 150 30.68 -15.75 13.31
C LEU D 150 30.41 -15.93 14.79
N ARG D 151 29.53 -15.08 15.34
CA ARG D 151 29.17 -15.14 16.75
C ARG D 151 27.79 -15.80 16.95
N ALA D 152 27.68 -16.57 18.03
CA ALA D 152 26.39 -17.14 18.47
C ALA D 152 25.83 -16.24 19.54
N GLY D 153 24.51 -16.07 19.56
CA GLY D 153 23.90 -15.20 20.55
C GLY D 153 22.40 -15.22 20.64
N ILE D 154 21.88 -14.40 21.55
CA ILE D 154 20.44 -14.24 21.75
C ILE D 154 20.01 -12.98 21.01
N ILE D 155 18.90 -13.08 20.28
CA ILE D 155 18.29 -11.93 19.60
C ILE D 155 16.96 -11.58 20.25
N ALA D 156 16.78 -10.30 20.57
CA ALA D 156 15.51 -9.77 21.07
C ALA D 156 14.77 -9.14 19.89
N THR D 157 13.54 -9.58 19.65
CA THR D 157 12.72 -9.12 18.54
C THR D 157 11.55 -8.28 19.07
N GLY D 158 11.23 -7.20 18.37
CA GLY D 158 10.03 -6.45 18.67
C GLY D 158 9.71 -5.53 17.51
N ASP D 159 8.57 -4.86 17.58
CA ASP D 159 8.11 -4.03 16.47
C ASP D 159 8.51 -2.54 16.57
N GLU D 160 9.63 -2.28 17.25
CA GLU D 160 10.21 -0.95 17.34
C GLU D 160 11.65 -0.95 16.79
N PHE D 161 12.01 0.08 16.03
CA PHE D 161 13.42 0.34 15.70
C PHE D 161 14.07 0.96 16.95
N ILE D 162 15.04 0.25 17.52
CA ILE D 162 15.68 0.68 18.78
C ILE D 162 16.83 1.65 18.49
N CYS D 163 16.69 2.88 18.99
CA CYS D 163 17.72 3.92 18.77
C CYS D 163 17.78 4.84 20.00
N ASP D 164 18.00 4.19 21.14
CA ASP D 164 17.89 4.82 22.46
C ASP D 164 18.72 3.98 23.42
N GLU D 165 19.68 4.62 24.09
CA GLU D 165 20.60 3.90 24.98
C GLU D 165 19.92 3.21 26.16
N ALA D 166 18.91 3.88 26.74
CA ALA D 166 18.16 3.34 27.88
C ALA D 166 17.36 2.08 27.49
N LYS D 167 16.63 2.17 26.37
CA LYS D 167 15.88 1.03 25.83
C LYS D 167 16.79 -0.15 25.48
N LYS D 168 17.86 0.15 24.75
CA LYS D 168 18.92 -0.82 24.45
C LYS D 168 19.42 -1.56 25.69
N ALA D 169 19.76 -0.79 26.74
CA ALA D 169 20.30 -1.36 27.98
C ALA D 169 19.27 -2.24 28.69
N LYS D 170 18.03 -1.76 28.76
CA LYS D 170 16.94 -2.47 29.43
C LYS D 170 16.64 -3.82 28.76
N ILE D 171 16.55 -3.82 27.42
CA ILE D 171 16.26 -5.06 26.68
C ILE D 171 17.45 -6.02 26.79
N ARG D 172 18.67 -5.49 26.66
CA ARG D 172 19.89 -6.31 26.84
C ARG D 172 19.90 -7.01 28.19
N GLU D 173 19.63 -6.26 29.25
CA GLU D 173 19.62 -6.79 30.62
C GLU D 173 18.56 -7.88 30.83
N ILE D 174 17.31 -7.61 30.42
CA ILE D 174 16.20 -8.53 30.67
C ILE D 174 16.39 -9.88 29.96
N PHE D 175 16.79 -9.85 28.70
CA PHE D 175 16.88 -11.07 27.87
C PHE D 175 18.29 -11.58 27.61
N ASN D 176 19.30 -10.90 28.15
CA ASN D 176 20.72 -11.19 27.82
C ASN D 176 20.92 -11.19 26.30
N ALA D 177 20.34 -10.18 25.65
CA ALA D 177 20.30 -10.11 24.19
C ALA D 177 21.57 -9.50 23.60
N ASP D 178 22.08 -10.11 22.55
CA ASP D 178 23.28 -9.64 21.83
C ASP D 178 22.95 -8.68 20.69
N ALA D 179 21.70 -8.71 20.22
CA ALA D 179 21.25 -7.79 19.17
C ALA D 179 19.74 -7.70 19.15
N CYS D 180 19.22 -6.72 18.42
CA CYS D 180 17.78 -6.55 18.25
C CYS D 180 17.41 -6.42 16.78
N GLU D 181 16.17 -6.79 16.48
CA GLU D 181 15.60 -6.66 15.14
C GLU D 181 14.07 -6.85 15.25
N MET D 182 13.36 -6.98 14.13
CA MET D 182 11.91 -6.89 14.14
C MET D 182 11.20 -8.10 13.52
N GLU D 183 11.93 -9.18 13.25
CA GLU D 183 11.37 -10.36 12.56
C GLU D 183 11.81 -11.74 13.07
N GLY D 184 12.88 -11.83 13.85
CA GLY D 184 13.54 -13.11 14.12
C GLY D 184 12.70 -14.07 14.93
N ALA D 185 12.24 -13.61 16.08
CA ALA D 185 11.47 -14.45 17.01
C ALA D 185 10.18 -14.94 16.38
N SER D 186 9.53 -14.05 15.61
CA SER D 186 8.28 -14.39 14.93
C SER D 186 8.50 -15.47 13.86
N VAL D 187 9.56 -15.33 13.07
CA VAL D 187 9.89 -16.32 12.04
C VAL D 187 10.26 -17.66 12.68
N ALA D 188 11.11 -17.64 13.69
CA ALA D 188 11.54 -18.86 14.39
C ALA D 188 10.38 -19.58 15.07
N LEU D 189 9.42 -18.81 15.60
CA LEU D 189 8.19 -19.37 16.18
C LEU D 189 7.36 -20.11 15.14
N VAL D 190 7.14 -19.50 13.98
CA VAL D 190 6.36 -20.12 12.90
C VAL D 190 7.02 -21.44 12.46
N CYS D 191 8.33 -21.40 12.26
CA CYS D 191 9.08 -22.56 11.81
C CYS D 191 8.99 -23.71 12.81
N ASP D 192 9.20 -23.41 14.09
CA ASP D 192 9.04 -24.39 15.17
C ASP D 192 7.62 -24.96 15.20
N ALA D 193 6.62 -24.09 15.09
CA ALA D 193 5.22 -24.52 15.11
C ALA D 193 4.91 -25.48 13.95
N LEU D 194 5.47 -25.20 12.77
CA LEU D 194 5.25 -26.02 11.57
C LEU D 194 6.31 -27.13 11.35
N LYS D 195 7.18 -27.36 12.34
CA LYS D 195 8.19 -28.43 12.34
C LYS D 195 9.19 -28.31 11.20
N VAL D 196 9.62 -27.08 10.93
CA VAL D 196 10.63 -26.78 9.91
C VAL D 196 11.87 -26.24 10.63
N PRO D 197 13.05 -26.84 10.38
CA PRO D 197 14.32 -26.29 10.88
C PRO D 197 14.55 -24.85 10.45
N CYS D 198 14.91 -23.99 11.41
CA CYS D 198 15.07 -22.55 11.20
C CYS D 198 16.47 -22.08 11.57
N PHE D 199 17.04 -21.23 10.73
CA PHE D 199 18.31 -20.55 11.00
C PHE D 199 18.08 -19.05 10.85
N ILE D 200 18.51 -18.26 11.84
CA ILE D 200 18.37 -16.81 11.82
C ILE D 200 19.75 -16.15 11.85
N LEU D 201 20.12 -15.49 10.75
CA LEU D 201 21.42 -14.82 10.62
C LEU D 201 21.22 -13.32 10.43
N ARG D 202 21.98 -12.53 11.19
CA ARG D 202 21.95 -11.08 11.08
C ARG D 202 23.37 -10.52 11.01
N ALA D 203 23.58 -9.57 10.09
CA ALA D 203 24.79 -8.74 10.05
C ALA D 203 24.47 -7.38 10.67
N MET D 204 25.33 -6.89 11.55
CA MET D 204 25.07 -5.64 12.25
C MET D 204 25.11 -4.45 11.31
N SER D 205 24.07 -3.62 11.36
CA SER D 205 23.99 -2.36 10.60
C SER D 205 24.17 -1.11 11.46
N ASP D 206 24.04 -1.26 12.78
CA ASP D 206 24.11 -0.14 13.72
C ASP D 206 24.26 -0.69 15.13
N LYS D 207 24.38 0.19 16.12
CA LYS D 207 24.53 -0.21 17.53
C LYS D 207 23.33 0.19 18.39
N ALA D 208 22.19 0.46 17.75
CA ALA D 208 20.91 0.64 18.43
C ALA D 208 20.84 1.75 19.48
N GLY D 209 21.74 2.73 19.38
CA GLY D 209 21.81 3.85 20.33
C GLY D 209 21.41 5.13 19.65
N GLU D 210 21.95 6.25 20.16
CA GLU D 210 21.75 7.55 19.51
C GLU D 210 22.41 7.46 18.12
N LYS D 211 21.73 8.00 17.12
CA LYS D 211 22.21 7.98 15.74
C LYS D 211 22.18 6.61 15.04
N ALA D 212 21.51 5.62 15.65
CA ALA D 212 21.36 4.30 15.01
C ALA D 212 20.67 4.37 13.65
N GLU D 213 19.69 5.28 13.51
CA GLU D 213 19.02 5.48 12.23
C GLU D 213 19.97 5.96 11.12
N PHE D 214 20.96 6.77 11.49
CA PHE D 214 21.96 7.26 10.54
C PHE D 214 22.97 6.18 10.15
N ASP D 215 23.44 5.41 11.13
CA ASP D 215 24.31 4.26 10.85
C ASP D 215 23.59 3.22 10.00
N PHE D 216 22.31 2.95 10.31
CA PHE D 216 21.52 2.03 9.50
C PHE D 216 21.52 2.42 8.02
N ASP D 217 21.14 3.67 7.75
CA ASP D 217 21.11 4.20 6.38
C ASP D 217 22.44 4.03 5.66
N GLU D 218 23.54 4.30 6.36
CA GLU D 218 24.88 4.20 5.77
C GLU D 218 25.30 2.75 5.50
N PHE D 219 25.00 1.83 6.41
CA PHE D 219 25.57 0.48 6.36
C PHE D 219 24.62 -0.65 5.94
N VAL D 220 23.32 -0.36 5.82
CA VAL D 220 22.36 -1.44 5.53
C VAL D 220 22.68 -2.23 4.26
N ILE D 221 22.97 -1.55 3.16
CA ILE D 221 23.19 -2.22 1.87
C ILE D 221 24.34 -3.23 1.96
N ASN D 222 25.45 -2.80 2.55
CA ASN D 222 26.65 -3.66 2.65
C ASN D 222 26.48 -4.80 3.65
N SER D 223 25.97 -4.48 4.84
CA SER D 223 25.71 -5.52 5.86
C SER D 223 24.72 -6.57 5.36
N ALA D 224 23.69 -6.14 4.63
CA ALA D 224 22.71 -7.05 4.03
C ALA D 224 23.35 -8.05 3.07
N LYS D 225 24.33 -7.58 2.29
CA LYS D 225 25.06 -8.46 1.36
C LYS D 225 25.92 -9.50 2.09
N ILE D 226 26.52 -9.10 3.21
CA ILE D 226 27.37 -9.99 4.01
C ILE D 226 26.55 -11.17 4.53
N SER D 227 25.36 -10.87 5.08
CA SER D 227 24.45 -11.91 5.55
C SER D 227 23.95 -12.78 4.41
N ALA D 228 23.52 -12.15 3.31
CA ALA D 228 22.97 -12.85 2.16
C ALA D 228 23.98 -13.82 1.52
N ASN D 229 25.23 -13.36 1.36
CA ASN D 229 26.30 -14.22 0.84
C ASN D 229 26.45 -15.48 1.70
N PHE D 230 26.44 -15.28 3.02
CA PHE D 230 26.64 -16.38 3.97
C PHE D 230 25.58 -17.47 3.88
N VAL D 231 24.30 -17.08 3.85
CA VAL D 231 23.22 -18.09 3.76
C VAL D 231 23.24 -18.86 2.43
N LEU D 232 23.67 -18.21 1.35
CA LEU D 232 23.83 -18.90 0.06
C LEU D 232 24.98 -19.93 0.13
N LYS D 233 26.05 -19.59 0.84
CA LYS D 233 27.14 -20.54 1.10
C LYS D 233 26.66 -21.75 1.92
N MET D 234 25.71 -21.54 2.84
CA MET D 234 25.08 -22.65 3.57
C MET D 234 24.24 -23.54 2.68
N CYS D 235 23.56 -22.96 1.68
CA CYS D 235 22.81 -23.76 0.70
C CYS D 235 23.73 -24.69 -0.12
N GLU D 236 24.97 -24.29 -0.35
CA GLU D 236 25.98 -25.17 -0.99
C GLU D 236 26.26 -26.42 -0.16
N LYS D 237 26.41 -26.26 1.15
CA LYS D 237 26.70 -27.38 2.05
C LYS D 237 25.48 -28.24 2.42
N LEU D 238 24.27 -27.71 2.25
CA LEU D 238 23.04 -28.46 2.55
C LEU D 238 22.78 -29.52 1.47
#